data_8D2T
#
_entry.id   8D2T
#
loop_
_entity.id
_entity.type
_entity.pdbx_description
1 polymer 'Sodium-dependent lysophosphatidylcholine symporter 1-B'
2 polymer 'FAB light chain'
3 polymer 'FAB heavy chain'
4 non-polymer DODECYL-BETA-D-MALTOSIDE
5 water water
#
loop_
_entity_poly.entity_id
_entity_poly.type
_entity_poly.pdbx_seq_one_letter_code
_entity_poly.pdbx_strand_id
1 'polypeptide(L)'
;MHHHHHHHHHHENLYFQGGSDEVKLAKHETKSRLSVCSKLCYAIGGAPYQITGCAIGFFLQIYLLDVALLDPFYASIILF
VGRAWDAVTDPTVGFLVSRTPWTRFGRMMPWIVLSTPFAVLCYFLIWYVPSVDQGKVVWYLIFYCCFQTLQTCFHVPYSA
LTMFISTEQKERDSATAYRMTVEVLGTLIGTAIQGQIVGMANAPCISTEIDLQSTGLEVAPDVQITDPHVSLQDLRNAYM
IASGVICAIYVVCAVVLFLGVKEQKDTCRVRTEPMSFFQGICMVMGHGPYAKLVMGFLFTSLAFMLLEGNFALFCIYNLG
FRNDFQNVLLVIMLSATLAIPFWQWFLTKFGKKTAVYIGTTSVVPFLISVVLVPSSLAVTYIASFAAGVSVAAAFLLPWS
MLPDVVDDFKVQNPESQGHEAIFYSFYVFFTKFASGVSLGVSTLSLDFAGYVTRGCTQPGEVKLTLKILVSAAPIVLIII
GLLIFISYPINEEKRQGNRKLLNEQREQ
;
A
2 'polypeptide(L)'
;ALDINSPEAEKNAKGARARITCNAGNQVGSAVAWFNQRPGDPASLLTYWAATEKGVAGKQSAQGASTKFSMSSAGPEAPS
LSSYWCLLFEKGAFSFGGSKLNPREGAGPQASILPPSADLNTSGGAAVVCFLPNWYGNITVQWKTEAPQSQANMSWPGQA
GANAAYAMAAVLAITKGDYGPGSFTCNASNRGTGPFAMSLN
;
B
3 'polypeptide(L)'
;ASKLELSGPAEPRGSKSAQITCKAKGFPEARFWVFWLFQRAAALDWPAANFSGGPVQFESRFQGNASLKGSQAQANAELN
IGALGSSTATYRCGWKLANGGFFPSWGGANVNGAAGAKAPAVYPVEISGAGTGSVTLGCLVKGYNAKPNLTWPGASGALT
FPSELNGALWNLASAVTGSGFPSATCAVGFGAATDVDKKVAAA
;
C
#
loop_
_chem_comp.id
_chem_comp.type
_chem_comp.name
_chem_comp.formula
LMT D-saccharide DODECYL-BETA-D-MALTOSIDE 'C24 H46 O11'
#
# COMPACT_ATOMS: atom_id res chain seq x y z
N SER A 32 -20.08 0.48 -56.38
CA SER A 32 -20.54 0.33 -55.01
C SER A 32 -19.65 -0.63 -54.23
N ARG A 33 -18.79 -1.36 -54.96
CA ARG A 33 -17.88 -2.29 -54.32
C ARG A 33 -16.82 -1.55 -53.53
N LEU A 34 -16.52 -2.06 -52.34
CA LEU A 34 -15.49 -1.45 -51.49
C LEU A 34 -14.11 -1.69 -52.07
N SER A 35 -13.30 -0.64 -52.10
CA SER A 35 -11.91 -0.79 -52.50
C SER A 35 -11.12 -1.51 -51.41
N VAL A 36 -9.97 -2.06 -51.80
CA VAL A 36 -9.11 -2.73 -50.83
C VAL A 36 -8.56 -1.73 -49.82
N CYS A 37 -8.28 -0.50 -50.25
CA CYS A 37 -7.79 0.52 -49.34
C CYS A 37 -8.84 0.88 -48.30
N SER A 38 -10.11 0.97 -48.71
CA SER A 38 -11.17 1.30 -47.76
C SER A 38 -11.34 0.20 -46.72
N LYS A 39 -11.29 -1.07 -47.15
CA LYS A 39 -11.36 -2.16 -46.19
C LYS A 39 -10.16 -2.18 -45.27
N LEU A 40 -8.97 -1.85 -45.79
CA LEU A 40 -7.79 -1.75 -44.95
C LEU A 40 -7.95 -0.67 -43.89
N CYS A 41 -8.48 0.49 -44.29
CA CYS A 41 -8.69 1.57 -43.33
C CYS A 41 -9.71 1.18 -42.28
N TYR A 42 -10.80 0.51 -42.69
CA TYR A 42 -11.80 0.04 -41.73
C TYR A 42 -11.20 -0.95 -40.75
N ALA A 43 -10.34 -1.86 -41.24
CA ALA A 43 -9.71 -2.81 -40.35
C ALA A 43 -8.74 -2.13 -39.39
N ILE A 44 -7.95 -1.17 -39.89
CA ILE A 44 -6.98 -0.48 -39.05
C ILE A 44 -7.70 0.32 -37.96
N GLY A 45 -8.87 0.88 -38.28
CA GLY A 45 -9.64 1.58 -37.27
C GLY A 45 -10.04 0.72 -36.08
N GLY A 46 -10.08 -0.59 -36.23
CA GLY A 46 -10.40 -1.50 -35.16
C GLY A 46 -9.24 -1.99 -34.34
N ALA A 47 -8.03 -1.49 -34.61
CA ALA A 47 -6.83 -1.87 -33.87
C ALA A 47 -6.71 -1.22 -32.50
N PRO A 48 -7.04 0.08 -32.31
CA PRO A 48 -6.88 0.67 -30.96
C PRO A 48 -7.61 -0.06 -29.86
N TYR A 49 -8.82 -0.56 -30.11
CA TYR A 49 -9.53 -1.31 -29.09
C TYR A 49 -8.72 -2.54 -28.67
N GLN A 50 -8.20 -3.28 -29.64
CA GLN A 50 -7.40 -4.47 -29.32
C GLN A 50 -6.11 -4.11 -28.59
N ILE A 51 -5.42 -3.06 -29.05
CA ILE A 51 -4.15 -2.68 -28.43
C ILE A 51 -4.36 -2.25 -26.99
N THR A 52 -5.31 -1.34 -26.76
CA THR A 52 -5.57 -0.86 -25.41
C THR A 52 -6.11 -1.97 -24.52
N GLY A 53 -7.02 -2.80 -25.05
CA GLY A 53 -7.55 -3.89 -24.24
C GLY A 53 -6.50 -4.91 -23.86
N CYS A 54 -5.61 -5.24 -24.80
CA CYS A 54 -4.55 -6.19 -24.49
C CYS A 54 -3.57 -5.61 -23.49
N ALA A 55 -3.17 -4.35 -23.66
CA ALA A 55 -2.26 -3.74 -22.70
C ALA A 55 -2.88 -3.67 -21.32
N ILE A 56 -4.15 -3.27 -21.24
CA ILE A 56 -4.82 -3.18 -19.94
C ILE A 56 -4.97 -4.56 -19.32
N GLY A 57 -5.50 -5.53 -20.07
CA GLY A 57 -5.72 -6.84 -19.50
C GLY A 57 -4.44 -7.55 -19.08
N PHE A 58 -3.33 -7.28 -19.78
CA PHE A 58 -2.08 -7.94 -19.45
C PHE A 58 -1.28 -7.22 -18.38
N PHE A 59 -1.43 -5.90 -18.23
CA PHE A 59 -0.53 -5.16 -17.36
C PHE A 59 -1.20 -4.30 -16.29
N LEU A 60 -2.53 -4.24 -16.23
CA LEU A 60 -3.16 -3.32 -15.29
C LEU A 60 -3.04 -3.82 -13.86
N GLN A 61 -3.12 -5.13 -13.65
CA GLN A 61 -3.03 -5.66 -12.29
C GLN A 61 -1.65 -5.38 -11.70
N ILE A 62 -0.59 -5.66 -12.47
CA ILE A 62 0.75 -5.39 -11.95
C ILE A 62 1.01 -3.89 -11.89
N TYR A 63 0.41 -3.10 -12.77
CA TYR A 63 0.58 -1.65 -12.68
C TYR A 63 -0.04 -1.12 -11.40
N LEU A 64 -1.23 -1.57 -11.05
CA LEU A 64 -1.87 -1.09 -9.84
C LEU A 64 -1.14 -1.58 -8.60
N LEU A 65 -0.79 -2.87 -8.55
CA LEU A 65 -0.18 -3.41 -7.36
C LEU A 65 1.23 -2.89 -7.16
N ASP A 66 2.07 -2.96 -8.20
CA ASP A 66 3.50 -2.76 -8.06
C ASP A 66 3.98 -1.39 -8.52
N VAL A 67 3.27 -0.73 -9.43
CA VAL A 67 3.69 0.57 -9.94
C VAL A 67 2.89 1.71 -9.30
N ALA A 68 1.57 1.60 -9.30
CA ALA A 68 0.74 2.62 -8.68
C ALA A 68 0.71 2.51 -7.16
N LEU A 69 1.26 1.43 -6.60
CA LEU A 69 1.39 1.23 -5.16
C LEU A 69 0.03 1.31 -4.46
N LEU A 70 -0.93 0.55 -4.97
CA LEU A 70 -2.27 0.50 -4.40
C LEU A 70 -2.43 -0.73 -3.54
N ASP A 71 -3.25 -0.60 -2.50
CA ASP A 71 -3.61 -1.75 -1.68
C ASP A 71 -4.33 -2.76 -2.56
N PRO A 72 -3.96 -4.03 -2.53
CA PRO A 72 -4.63 -5.02 -3.39
C PRO A 72 -6.12 -5.16 -3.14
N PHE A 73 -6.62 -4.76 -1.98
CA PHE A 73 -8.06 -4.58 -1.82
C PHE A 73 -8.56 -3.45 -2.71
N TYR A 74 -7.84 -2.33 -2.74
CA TYR A 74 -8.24 -1.20 -3.58
C TYR A 74 -7.96 -1.43 -5.05
N ALA A 75 -7.06 -2.36 -5.39
CA ALA A 75 -6.74 -2.67 -6.77
C ALA A 75 -7.53 -3.86 -7.29
N SER A 76 -8.51 -4.34 -6.53
CA SER A 76 -9.50 -5.29 -7.00
C SER A 76 -10.83 -4.64 -7.27
N ILE A 77 -11.20 -3.66 -6.43
CA ILE A 77 -12.38 -2.84 -6.69
C ILE A 77 -12.26 -2.17 -8.05
N ILE A 78 -11.08 -1.64 -8.36
CA ILE A 78 -10.88 -0.93 -9.62
C ILE A 78 -11.09 -1.86 -10.80
N LEU A 79 -10.49 -3.06 -10.75
CA LEU A 79 -10.60 -3.99 -11.86
C LEU A 79 -12.04 -4.49 -12.04
N PHE A 80 -12.68 -4.87 -10.93
CA PHE A 80 -14.05 -5.36 -11.02
C PHE A 80 -14.99 -4.27 -11.54
N VAL A 81 -14.89 -3.05 -11.01
CA VAL A 81 -15.79 -1.99 -11.42
C VAL A 81 -15.52 -1.58 -12.86
N GLY A 82 -14.24 -1.53 -13.24
CA GLY A 82 -13.89 -1.17 -14.59
C GLY A 82 -14.57 -2.12 -15.57
N ARG A 83 -14.32 -3.41 -15.39
CA ARG A 83 -14.93 -4.41 -16.27
C ARG A 83 -16.45 -4.33 -16.23
N ALA A 84 -17.02 -4.36 -15.04
CA ALA A 84 -18.47 -4.32 -14.92
C ALA A 84 -19.07 -3.12 -15.64
N TRP A 85 -18.39 -1.98 -15.57
CA TRP A 85 -18.86 -0.79 -16.27
C TRP A 85 -18.58 -0.84 -17.77
N ASP A 86 -17.66 -1.68 -18.22
CA ASP A 86 -17.58 -1.95 -19.65
C ASP A 86 -18.76 -2.80 -20.10
N ALA A 87 -19.05 -3.86 -19.34
CA ALA A 87 -20.15 -4.76 -19.69
C ALA A 87 -21.49 -4.03 -19.65
N VAL A 88 -21.70 -3.18 -18.65
CA VAL A 88 -22.96 -2.45 -18.54
C VAL A 88 -23.10 -1.38 -19.61
N THR A 89 -22.00 -0.80 -20.08
CA THR A 89 -22.08 0.29 -21.05
C THR A 89 -21.99 -0.16 -22.49
N ASP A 90 -21.71 -1.43 -22.77
CA ASP A 90 -21.81 -1.75 -24.19
C ASP A 90 -23.26 -1.82 -24.70
N PRO A 91 -24.25 -2.38 -23.97
CA PRO A 91 -25.61 -2.37 -24.53
C PRO A 91 -26.26 -0.99 -24.53
N THR A 92 -26.00 -0.18 -23.49
CA THR A 92 -26.57 1.16 -23.45
C THR A 92 -26.06 2.01 -24.61
N VAL A 93 -24.75 1.99 -24.83
CA VAL A 93 -24.17 2.70 -25.97
C VAL A 93 -24.70 2.11 -27.28
N GLY A 94 -24.93 0.80 -27.32
CA GLY A 94 -25.54 0.22 -28.52
C GLY A 94 -26.93 0.78 -28.79
N PHE A 95 -27.73 0.91 -27.73
CA PHE A 95 -29.07 1.49 -27.87
C PHE A 95 -29.00 2.94 -28.33
N LEU A 96 -28.10 3.72 -27.73
CA LEU A 96 -27.97 5.12 -28.12
C LEU A 96 -27.52 5.26 -29.56
N VAL A 97 -26.62 4.38 -30.02
CA VAL A 97 -26.23 4.35 -31.42
C VAL A 97 -27.42 4.00 -32.30
N SER A 98 -28.23 3.04 -31.85
CA SER A 98 -29.42 2.66 -32.61
C SER A 98 -30.40 3.81 -32.73
N ARG A 99 -30.39 4.73 -31.77
CA ARG A 99 -31.24 5.92 -31.85
C ARG A 99 -30.49 7.16 -32.35
N THR A 100 -29.27 7.00 -32.85
CA THR A 100 -28.52 8.14 -33.36
C THR A 100 -29.05 8.55 -34.73
N PRO A 101 -29.42 9.82 -34.92
CA PRO A 101 -29.90 10.27 -36.23
C PRO A 101 -28.75 10.40 -37.23
N TRP A 102 -29.13 10.60 -38.48
CA TRP A 102 -28.16 10.72 -39.57
C TRP A 102 -27.66 12.16 -39.65
N THR A 103 -26.35 12.34 -39.50
CA THR A 103 -25.72 13.64 -39.59
C THR A 103 -25.12 13.84 -40.99
N ARG A 104 -24.36 14.93 -41.15
CA ARG A 104 -23.66 15.19 -42.40
C ARG A 104 -22.36 14.40 -42.52
N PHE A 105 -21.90 13.78 -41.44
CA PHE A 105 -20.71 12.93 -41.47
C PHE A 105 -21.03 11.45 -41.30
N GLY A 106 -22.23 11.11 -40.86
CA GLY A 106 -22.62 9.73 -40.72
C GLY A 106 -23.39 9.40 -39.46
N ARG A 107 -23.86 8.16 -39.36
CA ARG A 107 -24.48 7.69 -38.14
C ARG A 107 -23.47 7.17 -37.12
N MET A 108 -22.25 6.88 -37.55
CA MET A 108 -21.23 6.33 -36.67
C MET A 108 -19.98 7.19 -36.57
N MET A 109 -19.64 7.93 -37.63
CA MET A 109 -18.46 8.79 -37.59
C MET A 109 -18.50 9.85 -36.49
N PRO A 110 -19.61 10.54 -36.21
CA PRO A 110 -19.59 11.48 -35.08
C PRO A 110 -19.20 10.85 -33.77
N TRP A 111 -19.66 9.63 -33.49
CA TRP A 111 -19.28 8.96 -32.25
C TRP A 111 -17.78 8.74 -32.17
N ILE A 112 -17.19 8.22 -33.24
CA ILE A 112 -15.76 7.94 -33.27
C ILE A 112 -14.95 9.22 -33.12
N VAL A 113 -15.31 10.25 -33.89
CA VAL A 113 -14.53 11.47 -33.93
C VAL A 113 -14.67 12.23 -32.61
N LEU A 114 -15.85 12.22 -32.00
CA LEU A 114 -16.03 12.92 -30.74
C LEU A 114 -15.57 12.10 -29.53
N SER A 115 -15.35 10.80 -29.69
CA SER A 115 -14.92 9.97 -28.57
C SER A 115 -13.42 9.79 -28.50
N THR A 116 -12.72 9.76 -29.63
CA THR A 116 -11.28 9.49 -29.58
C THR A 116 -10.47 10.54 -28.81
N PRO A 117 -10.68 11.86 -28.96
CA PRO A 117 -9.85 12.80 -28.18
C PRO A 117 -10.01 12.65 -26.68
N PHE A 118 -11.19 12.28 -26.21
CA PHE A 118 -11.38 12.04 -24.78
C PHE A 118 -10.96 10.63 -24.39
N ALA A 119 -11.11 9.67 -25.30
CA ALA A 119 -10.67 8.31 -25.00
C ALA A 119 -9.17 8.25 -24.80
N VAL A 120 -8.40 8.96 -25.62
CA VAL A 120 -6.95 8.94 -25.47
C VAL A 120 -6.54 9.67 -24.18
N LEU A 121 -7.26 10.73 -23.82
CA LEU A 121 -6.95 11.44 -22.58
C LEU A 121 -7.20 10.56 -21.37
N CYS A 122 -8.35 9.90 -21.32
CA CYS A 122 -8.64 9.02 -20.20
C CYS A 122 -7.71 7.82 -20.18
N TYR A 123 -7.33 7.29 -21.34
CA TYR A 123 -6.40 6.17 -21.39
C TYR A 123 -5.03 6.57 -20.88
N PHE A 124 -4.55 7.75 -21.26
CA PHE A 124 -3.27 8.22 -20.71
C PHE A 124 -3.37 8.41 -19.21
N LEU A 125 -4.50 8.90 -18.72
CA LEU A 125 -4.62 9.17 -17.30
C LEU A 125 -4.96 7.92 -16.48
N ILE A 126 -5.23 6.79 -17.12
CA ILE A 126 -5.27 5.53 -16.38
C ILE A 126 -3.88 5.18 -15.87
N TRP A 127 -2.87 5.29 -16.73
CA TRP A 127 -1.51 4.93 -16.40
C TRP A 127 -0.70 6.09 -15.83
N TYR A 128 -1.36 7.11 -15.32
CA TYR A 128 -0.71 8.21 -14.63
C TYR A 128 -0.96 8.06 -13.14
N VAL A 129 0.10 8.11 -12.34
CA VAL A 129 0.01 7.96 -10.90
C VAL A 129 -0.05 9.37 -10.30
N PRO A 130 -1.18 9.81 -9.78
CA PRO A 130 -1.31 11.18 -9.31
C PRO A 130 -0.68 11.37 -7.94
N SER A 131 -0.40 12.63 -7.62
CA SER A 131 0.14 13.02 -6.32
C SER A 131 -1.03 13.41 -5.43
N VAL A 132 -1.72 12.39 -4.90
CA VAL A 132 -2.91 12.58 -4.09
C VAL A 132 -2.66 11.97 -2.71
N ASP A 133 -2.99 12.72 -1.67
CA ASP A 133 -2.81 12.24 -0.31
C ASP A 133 -3.75 11.10 0.02
N GLN A 134 -4.99 11.16 -0.46
CA GLN A 134 -5.94 10.10 -0.19
C GLN A 134 -6.88 9.99 -1.38
N GLY A 135 -7.06 8.77 -1.88
CA GLY A 135 -7.97 8.57 -2.98
C GLY A 135 -7.28 8.46 -4.33
N LYS A 136 -6.23 7.64 -4.42
CA LYS A 136 -5.80 7.17 -5.72
C LYS A 136 -6.86 6.26 -6.34
N VAL A 137 -7.52 5.45 -5.51
CA VAL A 137 -8.49 4.50 -5.99
C VAL A 137 -9.64 5.22 -6.69
N VAL A 138 -10.04 6.38 -6.18
CA VAL A 138 -11.10 7.14 -6.84
C VAL A 138 -10.63 7.64 -8.20
N TRP A 139 -9.38 8.10 -8.29
CA TRP A 139 -8.82 8.52 -9.58
C TRP A 139 -8.87 7.38 -10.59
N TYR A 140 -8.37 6.20 -10.20
CA TYR A 140 -8.33 5.10 -11.13
C TYR A 140 -9.72 4.59 -11.48
N LEU A 141 -10.64 4.58 -10.51
CA LEU A 141 -12.02 4.20 -10.80
C LEU A 141 -12.64 5.15 -11.81
N ILE A 142 -12.54 6.46 -11.56
CA ILE A 142 -13.17 7.44 -12.43
C ILE A 142 -12.61 7.34 -13.84
N PHE A 143 -11.29 7.27 -13.96
CA PHE A 143 -10.70 7.32 -15.30
C PHE A 143 -10.74 5.98 -16.03
N TYR A 144 -10.67 4.86 -15.31
CA TYR A 144 -10.90 3.57 -15.94
C TYR A 144 -12.33 3.48 -16.46
N CYS A 145 -13.31 3.91 -15.65
CA CYS A 145 -14.70 3.87 -16.10
C CYS A 145 -14.93 4.84 -17.26
N CYS A 146 -14.32 6.03 -17.21
CA CYS A 146 -14.46 6.98 -18.31
C CYS A 146 -13.83 6.46 -19.59
N PHE A 147 -12.66 5.80 -19.49
CA PHE A 147 -12.05 5.23 -20.68
C PHE A 147 -12.89 4.08 -21.23
N GLN A 148 -13.46 3.26 -20.35
CA GLN A 148 -14.34 2.19 -20.82
C GLN A 148 -15.55 2.76 -21.53
N THR A 149 -16.15 3.82 -20.98
CA THR A 149 -17.31 4.43 -21.63
C THR A 149 -16.94 5.06 -22.97
N LEU A 150 -15.82 5.78 -23.02
CA LEU A 150 -15.44 6.50 -24.23
C LEU A 150 -14.73 5.62 -25.26
N GLN A 151 -14.36 4.40 -24.91
CA GLN A 151 -13.95 3.44 -25.91
C GLN A 151 -15.08 2.52 -26.33
N THR A 152 -16.10 2.36 -25.49
CA THR A 152 -17.33 1.73 -25.94
C THR A 152 -18.03 2.61 -26.97
N CYS A 153 -18.04 3.93 -26.72
CA CYS A 153 -18.58 4.88 -27.68
C CYS A 153 -17.73 5.01 -28.93
N PHE A 154 -16.60 4.32 -28.99
CA PHE A 154 -15.80 4.19 -30.20
C PHE A 154 -15.96 2.83 -30.88
N HIS A 155 -16.06 1.76 -30.10
CA HIS A 155 -16.09 0.43 -30.68
C HIS A 155 -17.48 0.02 -31.14
N VAL A 156 -18.52 0.28 -30.33
CA VAL A 156 -19.87 -0.16 -30.70
C VAL A 156 -20.35 0.52 -31.97
N PRO A 157 -20.20 1.83 -32.16
CA PRO A 157 -20.44 2.39 -33.51
C PRO A 157 -19.53 1.78 -34.56
N TYR A 158 -18.28 1.50 -34.21
CA TYR A 158 -17.38 0.84 -35.15
C TYR A 158 -17.86 -0.57 -35.48
N SER A 159 -18.34 -1.30 -34.48
CA SER A 159 -18.83 -2.65 -34.72
C SER A 159 -20.09 -2.63 -35.58
N ALA A 160 -20.91 -1.59 -35.45
CA ALA A 160 -22.09 -1.46 -36.30
C ALA A 160 -21.77 -0.86 -37.67
N LEU A 161 -20.57 -0.30 -37.84
CA LEU A 161 -20.20 0.31 -39.11
C LEU A 161 -20.10 -0.69 -40.26
N THR A 162 -19.91 -1.98 -39.95
CA THR A 162 -19.81 -2.98 -41.00
C THR A 162 -21.13 -3.17 -41.75
N MET A 163 -22.26 -2.85 -41.12
CA MET A 163 -23.54 -2.92 -41.79
C MET A 163 -23.81 -1.70 -42.67
N PHE A 164 -22.96 -0.67 -42.58
CA PHE A 164 -23.15 0.54 -43.35
C PHE A 164 -22.06 0.80 -44.38
N ILE A 165 -20.88 0.20 -44.23
CA ILE A 165 -19.80 0.44 -45.19
C ILE A 165 -20.20 -0.07 -46.58
N SER A 166 -20.93 -1.17 -46.63
CA SER A 166 -21.36 -1.73 -47.90
C SER A 166 -22.70 -2.42 -47.74
N THR A 167 -23.40 -2.60 -48.85
CA THR A 167 -24.66 -3.32 -48.89
C THR A 167 -24.51 -4.77 -49.33
N GLU A 168 -23.40 -5.11 -49.98
CA GLU A 168 -23.17 -6.48 -50.41
C GLU A 168 -22.60 -7.31 -49.26
N GLN A 169 -23.15 -8.52 -49.08
CA GLN A 169 -22.70 -9.38 -47.98
C GLN A 169 -21.26 -9.84 -48.17
N LYS A 170 -20.83 -10.03 -49.42
CA LYS A 170 -19.45 -10.43 -49.66
C LYS A 170 -18.48 -9.34 -49.24
N GLU A 171 -18.81 -8.07 -49.52
CA GLU A 171 -17.96 -6.98 -49.08
C GLU A 171 -17.92 -6.88 -47.56
N ARG A 172 -19.07 -7.10 -46.92
CA ARG A 172 -19.11 -7.12 -45.45
C ARG A 172 -18.22 -8.21 -44.89
N ASP A 173 -18.27 -9.41 -45.49
CA ASP A 173 -17.44 -10.50 -45.00
C ASP A 173 -15.97 -10.23 -45.25
N SER A 174 -15.62 -9.62 -46.38
CA SER A 174 -14.23 -9.28 -46.64
C SER A 174 -13.71 -8.25 -45.65
N ALA A 175 -14.52 -7.23 -45.36
CA ALA A 175 -14.12 -6.23 -44.36
C ALA A 175 -14.02 -6.86 -42.98
N THR A 176 -14.89 -7.80 -42.66
CA THR A 176 -14.81 -8.47 -41.37
C THR A 176 -13.55 -9.33 -41.28
N ALA A 177 -13.15 -9.96 -42.39
CA ALA A 177 -11.91 -10.73 -42.38
C ALA A 177 -10.70 -9.84 -42.20
N TYR A 178 -10.67 -8.70 -42.89
CA TYR A 178 -9.62 -7.71 -42.66
C TYR A 178 -9.60 -7.26 -41.21
N ARG A 179 -10.78 -7.01 -40.64
CA ARG A 179 -10.87 -6.58 -39.25
C ARG A 179 -10.35 -7.64 -38.30
N MET A 180 -10.68 -8.91 -38.56
CA MET A 180 -10.19 -9.98 -37.68
C MET A 180 -8.68 -10.11 -37.75
N THR A 181 -8.11 -10.04 -38.96
CA THR A 181 -6.66 -10.14 -39.07
C THR A 181 -5.96 -8.98 -38.38
N VAL A 182 -6.49 -7.77 -38.57
CA VAL A 182 -5.88 -6.61 -37.91
C VAL A 182 -6.12 -6.64 -36.41
N GLU A 183 -7.24 -7.23 -35.95
CA GLU A 183 -7.44 -7.41 -34.52
C GLU A 183 -6.37 -8.33 -33.93
N VAL A 184 -6.08 -9.43 -34.62
CA VAL A 184 -5.06 -10.35 -34.13
C VAL A 184 -3.68 -9.68 -34.11
N LEU A 185 -3.34 -8.98 -35.20
CA LEU A 185 -2.05 -8.30 -35.27
C LEU A 185 -1.97 -7.15 -34.27
N GLY A 186 -3.09 -6.48 -33.99
CA GLY A 186 -3.10 -5.44 -32.97
C GLY A 186 -2.95 -6.00 -31.58
N THR A 187 -3.56 -7.15 -31.29
CA THR A 187 -3.38 -7.79 -30.00
C THR A 187 -1.95 -8.22 -29.81
N LEU A 188 -1.26 -8.59 -30.89
CA LEU A 188 0.17 -8.87 -30.79
C LEU A 188 0.99 -7.60 -30.62
N ILE A 189 0.66 -6.56 -31.39
CA ILE A 189 1.48 -5.35 -31.41
C ILE A 189 1.34 -4.57 -30.10
N GLY A 190 0.14 -4.51 -29.54
CA GLY A 190 -0.04 -3.84 -28.26
C GLY A 190 0.71 -4.54 -27.14
N THR A 191 0.69 -5.88 -27.14
CA THR A 191 1.49 -6.63 -26.19
C THR A 191 2.97 -6.31 -26.35
N ALA A 192 3.45 -6.26 -27.59
CA ALA A 192 4.85 -5.94 -27.82
C ALA A 192 5.18 -4.54 -27.35
N ILE A 193 4.31 -3.56 -27.63
CA ILE A 193 4.62 -2.17 -27.34
C ILE A 193 4.59 -1.91 -25.84
N GLN A 194 3.54 -2.36 -25.16
CA GLN A 194 3.49 -2.18 -23.71
C GLN A 194 4.59 -2.97 -23.02
N GLY A 195 4.84 -4.20 -23.47
CA GLY A 195 5.83 -5.02 -22.80
C GLY A 195 7.24 -4.49 -22.94
N GLN A 196 7.62 -4.06 -24.14
CA GLN A 196 9.00 -3.67 -24.41
C GLN A 196 9.28 -2.22 -24.04
N ILE A 197 8.32 -1.53 -23.43
CA ILE A 197 8.58 -0.20 -22.87
C ILE A 197 8.49 -0.18 -21.35
N VAL A 198 7.67 -1.03 -20.72
CA VAL A 198 7.65 -1.14 -19.27
C VAL A 198 8.65 -2.16 -18.77
N GLY A 199 9.47 -2.71 -19.65
CA GLY A 199 10.47 -3.68 -19.29
C GLY A 199 11.86 -3.10 -19.41
N MET A 200 12.80 -3.66 -18.65
CA MET A 200 14.19 -3.23 -18.47
C MET A 200 14.28 -1.92 -17.70
N ALA A 201 13.16 -1.30 -17.34
CA ALA A 201 13.11 -0.16 -16.45
C ALA A 201 12.55 -0.55 -15.10
N ASN A 202 12.84 -1.77 -14.66
CA ASN A 202 12.27 -2.29 -13.43
C ASN A 202 12.78 -1.50 -12.22
N ALA A 203 11.88 -1.34 -11.26
CA ALA A 203 12.19 -0.62 -10.02
C ALA A 203 12.77 -1.57 -9.00
N PRO A 204 13.42 -1.05 -7.96
CA PRO A 204 13.91 -1.93 -6.90
C PRO A 204 12.76 -2.61 -6.16
N CYS A 205 13.06 -3.78 -5.61
CA CYS A 205 12.06 -4.58 -4.92
C CYS A 205 12.03 -4.24 -3.44
N ILE A 206 10.85 -4.32 -2.85
CA ILE A 206 10.64 -3.90 -1.46
C ILE A 206 10.73 -5.17 -0.61
N SER A 207 11.95 -5.54 -0.25
CA SER A 207 12.16 -6.74 0.52
C SER A 207 11.57 -6.59 1.92
N THR A 208 11.14 -7.71 2.48
CA THR A 208 10.34 -7.69 3.70
C THR A 208 10.82 -8.81 4.62
N GLU A 209 9.98 -9.19 5.57
CA GLU A 209 10.40 -10.07 6.66
C GLU A 209 10.87 -11.43 6.15
N ILE A 210 10.19 -11.98 5.14
CA ILE A 210 10.58 -13.28 4.63
C ILE A 210 11.97 -13.22 4.02
N ASP A 211 12.31 -12.09 3.38
CA ASP A 211 13.60 -11.97 2.72
C ASP A 211 14.73 -11.82 3.72
N LEU A 212 14.43 -11.33 4.92
CA LEU A 212 15.42 -11.21 5.98
C LEU A 212 16.06 -12.55 6.29
N GLN A 213 17.39 -12.61 6.20
CA GLN A 213 18.16 -13.83 6.37
C GLN A 213 17.68 -14.94 5.44
N HIS A 229 21.64 3.15 -11.95
CA HIS A 229 20.56 2.67 -11.11
C HIS A 229 19.20 3.08 -11.66
N VAL A 230 18.23 2.18 -11.57
CA VAL A 230 16.88 2.42 -12.05
C VAL A 230 15.99 2.69 -10.84
N SER A 231 15.20 3.75 -10.92
CA SER A 231 14.34 4.16 -9.83
C SER A 231 12.89 3.79 -10.13
N LEU A 232 12.03 3.95 -9.11
CA LEU A 232 10.61 3.72 -9.31
C LEU A 232 10.02 4.76 -10.26
N GLN A 233 10.47 6.01 -10.15
CA GLN A 233 10.06 7.04 -11.09
C GLN A 233 10.59 6.76 -12.50
N ASP A 234 11.59 5.92 -12.62
CA ASP A 234 12.08 5.53 -13.94
C ASP A 234 11.12 4.51 -14.54
N LEU A 235 10.36 3.82 -13.69
CA LEU A 235 9.42 2.82 -14.17
C LEU A 235 8.09 3.46 -14.56
N ARG A 236 7.56 4.31 -13.67
CA ARG A 236 6.26 4.95 -13.93
C ARG A 236 6.29 5.72 -15.24
N ASN A 237 7.35 6.51 -15.46
CA ASN A 237 7.48 7.24 -16.72
C ASN A 237 7.43 6.29 -17.90
N ALA A 238 8.08 5.13 -17.78
CA ALA A 238 8.02 4.13 -18.84
C ALA A 238 6.59 3.80 -19.19
N TYR A 239 5.76 3.53 -18.17
CA TYR A 239 4.35 3.26 -18.42
C TYR A 239 3.70 4.42 -19.15
N MET A 240 3.96 5.65 -18.69
CA MET A 240 3.41 6.81 -19.36
C MET A 240 3.85 6.84 -20.81
N ILE A 241 5.14 6.57 -21.05
CA ILE A 241 5.64 6.56 -22.42
C ILE A 241 4.87 5.55 -23.25
N ALA A 242 4.68 4.34 -22.69
CA ALA A 242 3.90 3.33 -23.41
C ALA A 242 2.52 3.85 -23.72
N SER A 243 1.86 4.45 -22.72
CA SER A 243 0.53 5.00 -22.95
C SER A 243 0.58 6.03 -24.06
N GLY A 244 1.57 6.92 -24.02
CA GLY A 244 1.69 7.91 -25.06
C GLY A 244 1.78 7.28 -26.43
N VAL A 245 2.64 6.26 -26.56
CA VAL A 245 2.78 5.57 -27.83
C VAL A 245 1.45 5.01 -28.27
N ILE A 246 0.78 4.30 -27.35
CA ILE A 246 -0.50 3.70 -27.68
C ILE A 246 -1.51 4.78 -28.02
N CYS A 247 -1.50 5.88 -27.25
CA CYS A 247 -2.42 6.97 -27.54
C CYS A 247 -2.18 7.50 -28.93
N ALA A 248 -0.91 7.66 -29.32
CA ALA A 248 -0.60 8.11 -30.66
C ALA A 248 -1.22 7.19 -31.69
N ILE A 249 -1.01 5.88 -31.51
CA ILE A 249 -1.59 4.90 -32.42
C ILE A 249 -3.09 5.09 -32.48
N TYR A 250 -3.71 5.21 -31.30
CA TYR A 250 -5.14 5.45 -31.21
C TYR A 250 -5.55 6.57 -32.14
N VAL A 251 -4.96 7.75 -31.92
CA VAL A 251 -5.34 8.92 -32.72
C VAL A 251 -5.11 8.64 -34.19
N VAL A 252 -3.93 8.08 -34.50
CA VAL A 252 -3.59 7.84 -35.89
C VAL A 252 -4.61 6.92 -36.53
N CYS A 253 -4.94 5.82 -35.84
CA CYS A 253 -5.89 4.88 -36.40
C CYS A 253 -7.25 5.54 -36.57
N ALA A 254 -7.64 6.35 -35.59
CA ALA A 254 -8.91 7.05 -35.70
C ALA A 254 -8.91 7.96 -36.92
N VAL A 255 -7.78 8.64 -37.16
CA VAL A 255 -7.69 9.49 -38.35
C VAL A 255 -7.88 8.65 -39.60
N VAL A 256 -7.23 7.49 -39.65
CA VAL A 256 -7.41 6.59 -40.78
C VAL A 256 -8.87 6.19 -40.90
N LEU A 257 -9.50 5.88 -39.76
CA LEU A 257 -10.89 5.46 -39.79
C LEU A 257 -11.79 6.57 -40.29
N PHE A 258 -11.38 7.83 -40.12
CA PHE A 258 -12.19 8.92 -40.64
C PHE A 258 -12.02 9.07 -42.14
N LEU A 259 -10.82 8.77 -42.67
CA LEU A 259 -10.55 9.10 -44.05
C LEU A 259 -10.93 8.00 -45.03
N GLY A 260 -10.66 6.74 -44.69
CA GLY A 260 -10.85 5.67 -45.64
C GLY A 260 -12.23 5.06 -45.70
N VAL A 261 -13.16 5.49 -44.85
CA VAL A 261 -14.46 4.85 -44.72
C VAL A 261 -15.56 5.87 -44.99
N LYS A 262 -16.49 5.51 -45.86
CA LYS A 262 -17.67 6.31 -46.15
C LYS A 262 -18.86 5.75 -45.38
N GLU A 263 -20.05 6.27 -45.67
CA GLU A 263 -21.23 5.84 -44.92
C GLU A 263 -22.33 5.24 -45.78
N GLN A 264 -22.69 5.86 -46.91
CA GLN A 264 -23.64 5.26 -47.87
C GLN A 264 -24.99 4.96 -47.20
N LYS A 265 -25.70 6.04 -46.87
CA LYS A 265 -26.81 6.01 -45.93
C LYS A 265 -28.09 5.40 -46.51
N ASP A 266 -28.01 4.65 -47.60
CA ASP A 266 -29.18 3.91 -48.08
C ASP A 266 -29.70 2.97 -47.00
N THR A 267 -28.79 2.33 -46.26
CA THR A 267 -29.12 1.52 -45.08
C THR A 267 -30.07 0.36 -45.41
N CYS A 268 -29.91 -0.20 -46.61
CA CYS A 268 -30.71 -1.34 -47.07
C CYS A 268 -32.22 -1.05 -46.99
N ARG A 269 -32.60 0.16 -47.44
CA ARG A 269 -33.99 0.65 -47.41
C ARG A 269 -34.50 0.56 -45.97
N VAL A 270 -35.65 -0.07 -45.72
CA VAL A 270 -36.16 -0.18 -44.36
C VAL A 270 -35.27 -1.12 -43.56
N ARG A 271 -34.88 -0.68 -42.37
CA ARG A 271 -33.98 -1.44 -41.50
C ARG A 271 -34.70 -1.75 -40.19
N THR A 272 -34.62 -3.01 -39.77
CA THR A 272 -35.24 -3.43 -38.52
C THR A 272 -34.53 -2.80 -37.33
N GLU A 273 -35.29 -2.53 -36.28
CA GLU A 273 -34.78 -1.93 -35.06
C GLU A 273 -35.00 -2.88 -33.88
N PRO A 274 -34.02 -3.09 -33.01
CA PRO A 274 -34.20 -3.98 -31.86
C PRO A 274 -35.28 -3.51 -30.90
N MET A 275 -36.38 -4.26 -30.83
CA MET A 275 -37.47 -3.95 -29.91
C MET A 275 -37.71 -5.07 -28.91
N SER A 276 -37.79 -6.31 -29.37
CA SER A 276 -37.98 -7.47 -28.49
C SER A 276 -36.65 -8.01 -27.99
N PHE A 277 -35.86 -7.16 -27.35
CA PHE A 277 -34.56 -7.56 -26.83
C PHE A 277 -34.69 -8.73 -25.84
N PHE A 278 -35.55 -8.57 -24.83
CA PHE A 278 -35.75 -9.63 -23.85
C PHE A 278 -36.36 -10.87 -24.49
N GLN A 279 -37.36 -10.68 -25.36
CA GLN A 279 -38.00 -11.81 -26.02
C GLN A 279 -37.03 -12.54 -26.94
N GLY A 280 -36.24 -11.78 -27.70
CA GLY A 280 -35.24 -12.42 -28.56
C GLY A 280 -34.17 -13.14 -27.77
N ILE A 281 -33.75 -12.56 -26.64
CA ILE A 281 -32.77 -13.22 -25.79
C ILE A 281 -33.33 -14.52 -25.24
N CYS A 282 -34.59 -14.50 -24.80
CA CYS A 282 -35.22 -15.72 -24.29
C CYS A 282 -35.34 -16.77 -25.39
N MET A 283 -35.71 -16.35 -26.60
CA MET A 283 -35.81 -17.29 -27.71
C MET A 283 -34.45 -17.91 -28.04
N VAL A 284 -33.39 -17.10 -28.03
CA VAL A 284 -32.06 -17.62 -28.31
C VAL A 284 -31.61 -18.59 -27.23
N MET A 285 -31.86 -18.24 -25.97
CA MET A 285 -31.50 -19.13 -24.86
C MET A 285 -32.30 -20.42 -24.89
N GLY A 286 -33.54 -20.38 -25.39
CA GLY A 286 -34.34 -21.57 -25.49
C GLY A 286 -33.80 -22.61 -26.46
N HIS A 287 -33.01 -22.18 -27.44
CA HIS A 287 -32.38 -23.13 -28.35
C HIS A 287 -31.31 -23.92 -27.61
N GLY A 288 -31.26 -25.22 -27.90
CA GLY A 288 -30.31 -26.10 -27.24
C GLY A 288 -28.87 -25.83 -27.62
N PRO A 289 -28.52 -26.04 -28.89
CA PRO A 289 -27.13 -25.82 -29.32
C PRO A 289 -26.64 -24.41 -29.08
N TYR A 290 -27.49 -23.41 -29.25
CA TYR A 290 -27.09 -22.04 -29.00
C TYR A 290 -26.66 -21.87 -27.55
N ALA A 291 -27.52 -22.27 -26.61
CA ALA A 291 -27.20 -22.15 -25.20
C ALA A 291 -25.94 -22.93 -24.84
N LYS A 292 -25.80 -24.13 -25.40
CA LYS A 292 -24.61 -24.94 -25.13
C LYS A 292 -23.35 -24.23 -25.61
N LEU A 293 -23.39 -23.69 -26.84
CA LEU A 293 -22.24 -22.97 -27.38
C LEU A 293 -21.93 -21.73 -26.55
N VAL A 294 -22.97 -20.99 -26.14
CA VAL A 294 -22.75 -19.79 -25.33
C VAL A 294 -22.06 -20.16 -24.03
N MET A 295 -22.57 -21.17 -23.33
CA MET A 295 -21.98 -21.53 -22.04
C MET A 295 -20.57 -22.08 -22.19
N GLY A 296 -20.32 -22.92 -23.19
CA GLY A 296 -18.99 -23.47 -23.37
C GLY A 296 -17.97 -22.42 -23.74
N PHE A 297 -18.31 -21.56 -24.73
CA PHE A 297 -17.43 -20.48 -25.12
C PHE A 297 -17.20 -19.53 -23.96
N LEU A 298 -18.26 -19.24 -23.18
CA LEU A 298 -18.15 -18.34 -22.05
C LEU A 298 -17.18 -18.89 -21.01
N PHE A 299 -17.30 -20.17 -20.67
CA PHE A 299 -16.43 -20.73 -19.64
C PHE A 299 -14.98 -20.86 -20.12
N THR A 300 -14.78 -21.23 -21.39
CA THR A 300 -13.42 -21.31 -21.91
C THR A 300 -12.76 -19.93 -21.95
N SER A 301 -13.49 -18.92 -22.45
CA SER A 301 -12.96 -17.56 -22.46
C SER A 301 -12.83 -16.98 -21.07
N LEU A 302 -13.59 -17.47 -20.08
CA LEU A 302 -13.36 -17.06 -18.70
C LEU A 302 -12.08 -17.64 -18.17
N ALA A 303 -11.81 -18.92 -18.46
CA ALA A 303 -10.56 -19.53 -18.04
C ALA A 303 -9.37 -18.81 -18.66
N PHE A 304 -9.49 -18.41 -19.92
CA PHE A 304 -8.38 -17.73 -20.57
C PHE A 304 -8.35 -16.22 -20.32
N MET A 305 -9.41 -15.65 -19.76
CA MET A 305 -9.35 -14.29 -19.23
C MET A 305 -8.99 -14.26 -17.76
N LEU A 306 -8.97 -15.41 -17.10
CA LEU A 306 -8.38 -15.55 -15.77
C LEU A 306 -6.88 -15.80 -15.84
N LEU A 307 -6.37 -16.10 -17.04
CA LEU A 307 -4.94 -16.19 -17.27
C LEU A 307 -4.38 -14.95 -17.95
N GLU A 308 -5.23 -14.13 -18.56
CA GLU A 308 -4.76 -12.87 -19.14
C GLU A 308 -4.22 -11.94 -18.07
N GLY A 309 -4.88 -11.90 -16.92
CA GLY A 309 -4.51 -10.95 -15.88
C GLY A 309 -3.51 -11.46 -14.86
N ASN A 310 -3.66 -12.71 -14.43
CA ASN A 310 -2.85 -13.26 -13.37
C ASN A 310 -1.64 -14.03 -13.86
N PHE A 311 -1.18 -13.78 -15.09
CA PHE A 311 0.01 -14.46 -15.59
C PHE A 311 1.26 -13.61 -15.50
N ALA A 312 1.11 -12.28 -15.49
CA ALA A 312 2.26 -11.43 -15.21
C ALA A 312 2.72 -11.61 -13.76
N LEU A 313 1.76 -11.65 -12.83
CA LEU A 313 2.11 -11.87 -11.43
C LEU A 313 2.67 -13.28 -11.22
N PHE A 314 2.10 -14.28 -11.88
CA PHE A 314 2.60 -15.64 -11.77
C PHE A 314 4.00 -15.76 -12.34
N CYS A 315 4.27 -15.08 -13.47
CA CYS A 315 5.61 -15.10 -14.03
C CYS A 315 6.59 -14.38 -13.13
N ILE A 316 6.20 -13.23 -12.58
CA ILE A 316 7.14 -12.43 -11.80
C ILE A 316 7.45 -13.10 -10.46
N TYR A 317 6.44 -13.60 -9.76
CA TYR A 317 6.60 -13.99 -8.37
C TYR A 317 6.58 -15.50 -8.14
N ASN A 318 6.38 -16.31 -9.18
CA ASN A 318 6.52 -17.75 -9.05
C ASN A 318 7.59 -18.34 -9.94
N LEU A 319 7.80 -17.80 -11.13
CA LEU A 319 8.82 -18.30 -12.06
C LEU A 319 10.11 -17.51 -12.01
N GLY A 320 10.20 -16.52 -11.12
CA GLY A 320 11.41 -15.72 -10.99
C GLY A 320 11.80 -14.99 -12.26
N PHE A 321 10.83 -14.34 -12.89
CA PHE A 321 11.00 -13.70 -14.19
C PHE A 321 10.64 -12.23 -14.11
N ARG A 322 11.18 -11.54 -13.11
N ARG A 322 11.20 -11.54 -13.12
CA ARG A 322 10.86 -10.12 -12.93
CA ARG A 322 10.90 -10.12 -12.91
C ARG A 322 11.31 -9.26 -14.10
C ARG A 322 11.31 -9.27 -14.10
N ASN A 323 12.27 -9.74 -14.90
CA ASN A 323 12.72 -9.03 -16.09
C ASN A 323 12.06 -9.55 -17.35
N ASP A 324 12.11 -10.87 -17.58
CA ASP A 324 11.71 -11.46 -18.85
C ASP A 324 10.21 -11.69 -18.97
N PHE A 325 9.38 -11.32 -17.98
CA PHE A 325 7.96 -11.62 -18.07
C PHE A 325 7.28 -10.89 -19.21
N GLN A 326 7.83 -9.76 -19.67
CA GLN A 326 7.26 -9.06 -20.81
C GLN A 326 7.66 -9.68 -22.14
N ASN A 327 8.62 -10.60 -22.13
CA ASN A 327 8.96 -11.35 -23.32
C ASN A 327 8.15 -12.64 -23.41
N VAL A 328 8.02 -13.35 -22.28
CA VAL A 328 7.25 -14.59 -22.25
C VAL A 328 5.84 -14.35 -22.77
N LEU A 329 5.19 -13.30 -22.24
CA LEU A 329 3.86 -12.92 -22.72
C LEU A 329 3.90 -12.69 -24.23
N LEU A 330 4.89 -11.94 -24.71
CA LEU A 330 5.02 -11.71 -26.14
C LEU A 330 5.14 -13.03 -26.88
N VAL A 331 5.95 -13.95 -26.35
CA VAL A 331 6.10 -15.26 -26.97
C VAL A 331 4.74 -15.91 -27.13
N ILE A 332 3.94 -15.91 -26.05
CA ILE A 332 2.60 -16.49 -26.10
C ILE A 332 1.81 -15.83 -27.22
N MET A 333 1.79 -14.50 -27.22
CA MET A 333 1.03 -13.79 -28.24
C MET A 333 1.60 -14.09 -29.61
N LEU A 334 2.93 -14.11 -29.72
CA LEU A 334 3.55 -14.45 -31.00
C LEU A 334 3.15 -15.85 -31.43
N SER A 335 3.15 -16.79 -30.48
CA SER A 335 2.70 -18.14 -30.79
C SER A 335 1.28 -18.12 -31.31
N ALA A 336 0.42 -17.32 -30.68
CA ALA A 336 -0.97 -17.24 -31.13
C ALA A 336 -1.03 -16.75 -32.57
N THR A 337 -0.19 -15.77 -32.91
CA THR A 337 -0.20 -15.25 -34.27
C THR A 337 0.19 -16.32 -35.28
N LEU A 338 1.04 -17.26 -34.88
CA LEU A 338 1.42 -18.34 -35.79
C LEU A 338 0.60 -19.60 -35.57
N ALA A 339 -0.39 -19.58 -34.68
CA ALA A 339 -1.20 -20.77 -34.44
C ALA A 339 -2.61 -20.68 -34.97
N ILE A 340 -3.10 -19.47 -35.29
CA ILE A 340 -4.43 -19.36 -35.90
C ILE A 340 -4.51 -20.06 -37.25
N PRO A 341 -3.55 -19.91 -38.19
CA PRO A 341 -3.63 -20.71 -39.42
C PRO A 341 -3.63 -22.21 -39.17
N PHE A 342 -2.74 -22.69 -38.28
CA PHE A 342 -2.58 -24.13 -38.06
C PHE A 342 -3.91 -24.78 -37.67
N TRP A 343 -4.56 -24.24 -36.64
CA TRP A 343 -5.85 -24.80 -36.22
C TRP A 343 -6.89 -24.68 -37.32
N GLN A 344 -6.81 -23.64 -38.15
CA GLN A 344 -7.71 -23.55 -39.29
C GLN A 344 -7.55 -24.76 -40.19
N TRP A 345 -6.30 -25.17 -40.46
CA TRP A 345 -6.07 -26.39 -41.21
C TRP A 345 -6.66 -27.58 -40.46
N PHE A 346 -6.48 -27.60 -39.13
CA PHE A 346 -7.08 -28.65 -38.33
C PHE A 346 -8.60 -28.62 -38.46
N LEU A 347 -9.18 -27.42 -38.55
CA LEU A 347 -10.63 -27.29 -38.71
C LEU A 347 -11.11 -28.00 -39.97
N THR A 348 -10.24 -28.14 -40.97
CA THR A 348 -10.56 -28.90 -42.16
C THR A 348 -10.00 -30.31 -42.12
N LYS A 349 -8.95 -30.55 -41.31
CA LYS A 349 -8.25 -31.83 -41.39
C LYS A 349 -9.00 -32.93 -40.65
N PHE A 350 -9.38 -32.70 -39.41
CA PHE A 350 -9.94 -33.74 -38.56
C PHE A 350 -11.28 -33.33 -37.96
N GLY A 351 -12.02 -32.48 -38.67
CA GLY A 351 -13.31 -32.05 -38.17
C GLY A 351 -13.19 -30.97 -37.12
N LYS A 352 -14.34 -30.64 -36.52
CA LYS A 352 -14.42 -29.61 -35.51
C LYS A 352 -14.64 -30.14 -34.10
N LYS A 353 -15.28 -31.29 -33.94
CA LYS A 353 -15.56 -31.82 -32.61
C LYS A 353 -14.27 -32.21 -31.90
N THR A 354 -13.41 -32.99 -32.56
CA THR A 354 -12.12 -33.32 -31.97
C THR A 354 -11.26 -32.07 -31.83
N ALA A 355 -11.41 -31.13 -32.76
CA ALA A 355 -10.66 -29.87 -32.68
C ALA A 355 -10.98 -29.12 -31.41
N VAL A 356 -12.27 -28.90 -31.13
CA VAL A 356 -12.64 -28.18 -29.92
C VAL A 356 -12.37 -29.03 -28.68
N TYR A 357 -12.39 -30.35 -28.82
CA TYR A 357 -12.09 -31.21 -27.68
C TYR A 357 -10.63 -31.08 -27.25
N ILE A 358 -9.71 -31.00 -28.22
CA ILE A 358 -8.28 -31.04 -27.87
C ILE A 358 -7.71 -29.63 -27.72
N GLY A 359 -8.29 -28.64 -28.41
CA GLY A 359 -7.75 -27.30 -28.33
C GLY A 359 -7.91 -26.68 -26.96
N THR A 360 -9.07 -26.84 -26.34
CA THR A 360 -9.28 -26.30 -25.01
C THR A 360 -8.49 -27.07 -23.96
N THR A 361 -8.22 -28.36 -24.21
CA THR A 361 -7.47 -29.19 -23.28
C THR A 361 -6.00 -29.32 -23.65
N SER A 362 -5.53 -28.64 -24.70
CA SER A 362 -4.12 -28.69 -25.04
C SER A 362 -3.26 -27.92 -24.04
N VAL A 363 -3.87 -27.03 -23.26
CA VAL A 363 -3.13 -26.27 -22.25
C VAL A 363 -3.14 -26.93 -20.88
N VAL A 364 -4.03 -27.90 -20.66
CA VAL A 364 -4.15 -28.50 -19.33
C VAL A 364 -2.85 -29.15 -18.85
N PRO A 365 -2.17 -30.00 -19.64
CA PRO A 365 -0.90 -30.55 -19.15
C PRO A 365 0.14 -29.50 -18.86
N PHE A 366 0.19 -28.44 -19.66
CA PHE A 366 1.20 -27.41 -19.44
C PHE A 366 0.85 -26.50 -18.27
N LEU A 367 -0.44 -26.23 -18.07
CA LEU A 367 -0.85 -25.50 -16.86
C LEU A 367 -0.56 -26.31 -15.62
N ILE A 368 -0.66 -27.65 -15.69
CA ILE A 368 -0.25 -28.46 -14.56
C ILE A 368 1.27 -28.44 -14.40
N SER A 369 2.01 -28.45 -15.51
CA SER A 369 3.45 -28.56 -15.46
C SER A 369 4.12 -27.29 -14.94
N VAL A 370 3.57 -26.12 -15.25
CA VAL A 370 4.23 -24.87 -14.86
C VAL A 370 4.27 -24.72 -13.34
N VAL A 371 3.26 -25.25 -12.64
CA VAL A 371 3.21 -25.12 -11.19
C VAL A 371 3.85 -26.31 -10.48
N LEU A 372 4.35 -27.30 -11.20
CA LEU A 372 5.03 -28.45 -10.62
C LEU A 372 6.50 -28.52 -11.00
N VAL A 373 6.81 -28.43 -12.29
CA VAL A 373 8.20 -28.45 -12.75
C VAL A 373 8.86 -27.13 -12.37
N PRO A 374 10.18 -27.10 -12.14
CA PRO A 374 10.84 -25.82 -11.84
C PRO A 374 10.77 -24.83 -12.98
N SER A 375 11.02 -25.29 -14.21
CA SER A 375 10.96 -24.46 -15.42
C SER A 375 11.90 -23.26 -15.31
N SER A 376 13.20 -23.56 -15.32
CA SER A 376 14.21 -22.54 -15.08
C SER A 376 14.21 -21.44 -16.13
N LEU A 377 14.63 -21.76 -17.36
CA LEU A 377 14.59 -20.79 -18.45
C LEU A 377 13.80 -21.28 -19.66
N ALA A 378 14.15 -22.44 -20.21
CA ALA A 378 13.59 -22.86 -21.49
C ALA A 378 12.21 -23.50 -21.35
N VAL A 379 11.99 -24.22 -20.26
CA VAL A 379 10.73 -24.94 -20.07
C VAL A 379 9.55 -23.96 -20.01
N THR A 380 9.76 -22.81 -19.37
CA THR A 380 8.73 -21.78 -19.36
C THR A 380 8.41 -21.30 -20.76
N TYR A 381 9.43 -21.14 -21.61
CA TYR A 381 9.17 -20.74 -23.00
C TYR A 381 8.43 -21.83 -23.77
N ILE A 382 8.75 -23.11 -23.50
CA ILE A 382 8.05 -24.20 -24.17
C ILE A 382 6.58 -24.20 -23.77
N ALA A 383 6.31 -24.06 -22.47
CA ALA A 383 4.92 -23.98 -22.01
C ALA A 383 4.24 -22.73 -22.53
N SER A 384 5.00 -21.66 -22.73
CA SER A 384 4.44 -20.44 -23.32
C SER A 384 4.01 -20.69 -24.76
N PHE A 385 4.82 -21.39 -25.53
CA PHE A 385 4.43 -21.74 -26.90
C PHE A 385 3.21 -22.64 -26.89
N ALA A 386 3.15 -23.59 -25.96
CA ALA A 386 1.97 -24.45 -25.85
C ALA A 386 0.73 -23.66 -25.52
N ALA A 387 0.84 -22.70 -24.59
CA ALA A 387 -0.29 -21.86 -24.25
C ALA A 387 -0.66 -20.92 -25.37
N GLY A 388 0.30 -20.51 -26.21
CA GLY A 388 -0.04 -19.70 -27.36
C GLY A 388 -0.67 -20.48 -28.49
N VAL A 389 -0.45 -21.79 -28.54
CA VAL A 389 -1.23 -22.64 -29.42
C VAL A 389 -2.65 -22.81 -28.87
N SER A 390 -2.75 -23.05 -27.57
CA SER A 390 -4.05 -23.32 -26.95
C SER A 390 -4.95 -22.09 -26.95
N VAL A 391 -4.39 -20.90 -26.70
CA VAL A 391 -5.19 -19.68 -26.70
C VAL A 391 -5.75 -19.42 -28.09
N ALA A 392 -4.95 -19.65 -29.12
CA ALA A 392 -5.44 -19.52 -30.49
C ALA A 392 -6.54 -20.53 -30.78
N ALA A 393 -6.36 -21.78 -30.33
CA ALA A 393 -7.39 -22.79 -30.49
C ALA A 393 -8.69 -22.38 -29.83
N ALA A 394 -8.61 -21.96 -28.57
CA ALA A 394 -9.76 -21.66 -27.73
C ALA A 394 -10.41 -20.33 -28.10
N PHE A 395 -9.95 -19.70 -29.19
N PHE A 395 -9.94 -19.70 -29.17
CA PHE A 395 -10.66 -18.53 -29.70
CA PHE A 395 -10.66 -18.57 -29.71
C PHE A 395 -11.11 -18.77 -31.14
C PHE A 395 -11.17 -18.91 -31.10
N LEU A 396 -10.29 -19.44 -31.95
CA LEU A 396 -10.67 -19.73 -33.33
C LEU A 396 -11.77 -20.78 -33.40
N LEU A 397 -11.61 -21.88 -32.66
CA LEU A 397 -12.51 -23.02 -32.82
C LEU A 397 -13.97 -22.73 -32.51
N PRO A 398 -14.33 -22.04 -31.41
CA PRO A 398 -15.77 -21.78 -31.19
C PRO A 398 -16.41 -20.94 -32.28
N TRP A 399 -15.68 -19.97 -32.83
CA TRP A 399 -16.24 -19.21 -33.96
C TRP A 399 -16.42 -20.09 -35.18
N SER A 400 -15.56 -21.09 -35.35
CA SER A 400 -15.77 -22.07 -36.42
C SER A 400 -17.00 -22.94 -36.15
N MET A 401 -17.26 -23.24 -34.87
CA MET A 401 -18.44 -24.01 -34.52
C MET A 401 -19.71 -23.20 -34.78
N LEU A 402 -19.66 -21.89 -34.53
CA LEU A 402 -20.81 -20.98 -34.57
C LEU A 402 -21.71 -21.11 -35.81
N PRO A 403 -21.20 -21.06 -37.05
CA PRO A 403 -22.12 -21.09 -38.21
C PRO A 403 -23.00 -22.32 -38.28
N ASP A 404 -22.52 -23.48 -37.82
CA ASP A 404 -23.38 -24.66 -37.75
C ASP A 404 -24.53 -24.43 -36.79
N VAL A 405 -24.26 -23.80 -35.65
CA VAL A 405 -25.30 -23.50 -34.67
C VAL A 405 -26.29 -22.50 -35.25
N VAL A 406 -25.79 -21.53 -36.04
CA VAL A 406 -26.66 -20.55 -36.68
C VAL A 406 -27.59 -21.24 -37.67
N ASP A 407 -27.02 -22.15 -38.49
CA ASP A 407 -27.83 -22.92 -39.43
C ASP A 407 -28.88 -23.76 -38.70
N ASP A 408 -28.50 -24.38 -37.58
CA ASP A 408 -29.44 -25.19 -36.83
C ASP A 408 -30.57 -24.33 -36.24
N PHE A 409 -30.23 -23.15 -35.72
CA PHE A 409 -31.26 -22.25 -35.21
C PHE A 409 -32.19 -21.79 -36.33
N LYS A 410 -31.63 -21.49 -37.50
CA LYS A 410 -32.45 -21.08 -38.64
C LYS A 410 -33.41 -22.19 -39.06
N VAL A 411 -32.92 -23.43 -39.07
CA VAL A 411 -33.79 -24.56 -39.40
C VAL A 411 -34.88 -24.72 -38.35
N GLN A 412 -34.50 -24.60 -37.07
CA GLN A 412 -35.47 -24.72 -35.99
C GLN A 412 -36.40 -23.52 -35.96
N ASN A 413 -35.84 -22.31 -36.03
CA ASN A 413 -36.60 -21.05 -35.95
C ASN A 413 -36.41 -20.29 -37.26
N PRO A 414 -37.36 -20.42 -38.19
CA PRO A 414 -37.24 -19.66 -39.46
C PRO A 414 -37.20 -18.15 -39.26
N GLU A 415 -37.92 -17.64 -38.28
CA GLU A 415 -37.90 -16.20 -38.00
C GLU A 415 -36.52 -15.79 -37.48
N SER A 416 -35.98 -14.71 -38.06
CA SER A 416 -34.66 -14.22 -37.71
C SER A 416 -34.83 -12.95 -36.87
N GLN A 417 -34.47 -13.03 -35.60
CA GLN A 417 -34.50 -11.89 -34.68
C GLN A 417 -33.17 -11.89 -33.93
N GLY A 418 -32.16 -11.25 -34.52
CA GLY A 418 -30.85 -11.20 -33.88
C GLY A 418 -30.22 -12.56 -33.67
N HIS A 419 -30.22 -13.41 -34.69
CA HIS A 419 -29.66 -14.76 -34.56
C HIS A 419 -28.19 -14.73 -34.20
N GLU A 420 -27.45 -13.72 -34.64
CA GLU A 420 -26.04 -13.56 -34.33
C GLU A 420 -25.73 -12.37 -33.45
N ALA A 421 -26.43 -11.24 -33.66
CA ALA A 421 -26.14 -10.04 -32.88
C ALA A 421 -26.45 -10.22 -31.41
N ILE A 422 -27.61 -10.82 -31.10
CA ILE A 422 -27.98 -11.02 -29.70
C ILE A 422 -27.03 -12.00 -29.03
N PHE A 423 -26.64 -13.06 -29.74
CA PHE A 423 -25.69 -14.01 -29.19
C PHE A 423 -24.35 -13.33 -28.89
N TYR A 424 -23.87 -12.51 -29.82
CA TYR A 424 -22.57 -11.87 -29.62
C TYR A 424 -22.63 -10.88 -28.47
N SER A 425 -23.72 -10.11 -28.37
CA SER A 425 -23.84 -9.16 -27.28
C SER A 425 -23.93 -9.87 -25.93
N PHE A 426 -24.67 -10.97 -25.87
CA PHE A 426 -24.77 -11.75 -24.64
C PHE A 426 -23.42 -12.30 -24.23
N TYR A 427 -22.69 -12.89 -25.18
CA TYR A 427 -21.38 -13.45 -24.88
C TYR A 427 -20.41 -12.39 -24.42
N VAL A 428 -20.37 -11.25 -25.12
CA VAL A 428 -19.44 -10.18 -24.79
C VAL A 428 -19.74 -9.63 -23.39
N PHE A 429 -21.02 -9.36 -23.12
CA PHE A 429 -21.41 -8.83 -21.82
C PHE A 429 -21.01 -9.79 -20.71
N PHE A 430 -21.37 -11.07 -20.85
CA PHE A 430 -21.11 -12.00 -19.75
C PHE A 430 -19.62 -12.27 -19.58
N THR A 431 -18.85 -12.33 -20.68
CA THR A 431 -17.42 -12.51 -20.55
C THR A 431 -16.77 -11.33 -19.85
N LYS A 432 -17.16 -10.10 -20.22
CA LYS A 432 -16.58 -8.93 -19.57
C LYS A 432 -16.93 -8.90 -18.09
N PHE A 433 -18.21 -9.11 -17.76
CA PHE A 433 -18.66 -9.06 -16.38
C PHE A 433 -17.98 -10.13 -15.53
N ALA A 434 -17.98 -11.38 -16.00
CA ALA A 434 -17.44 -12.47 -15.20
C ALA A 434 -15.92 -12.45 -15.17
N SER A 435 -15.25 -11.99 -16.23
CA SER A 435 -13.81 -11.81 -16.17
C SER A 435 -13.44 -10.73 -15.17
N GLY A 436 -14.26 -9.67 -15.08
CA GLY A 436 -14.04 -8.69 -14.03
C GLY A 436 -14.24 -9.27 -12.65
N VAL A 437 -15.27 -10.09 -12.46
CA VAL A 437 -15.48 -10.73 -11.17
C VAL A 437 -14.30 -11.63 -10.83
N SER A 438 -13.79 -12.37 -11.81
CA SER A 438 -12.66 -13.26 -11.57
C SER A 438 -11.38 -12.50 -11.26
N LEU A 439 -11.12 -11.39 -11.93
CA LEU A 439 -9.93 -10.60 -11.66
C LEU A 439 -10.03 -9.91 -10.29
N GLY A 440 -11.22 -9.42 -9.95
CA GLY A 440 -11.42 -8.84 -8.63
C GLY A 440 -11.24 -9.86 -7.52
N VAL A 441 -11.81 -11.05 -7.69
CA VAL A 441 -11.63 -12.10 -6.69
C VAL A 441 -10.17 -12.54 -6.61
N SER A 442 -9.48 -12.56 -7.75
CA SER A 442 -8.06 -12.92 -7.74
C SER A 442 -7.25 -11.92 -6.93
N THR A 443 -7.43 -10.62 -7.20
CA THR A 443 -6.66 -9.62 -6.47
C THR A 443 -7.06 -9.57 -5.00
N LEU A 444 -8.35 -9.78 -4.70
CA LEU A 444 -8.79 -9.80 -3.31
C LEU A 444 -8.20 -10.99 -2.56
N SER A 445 -8.10 -12.15 -3.23
CA SER A 445 -7.45 -13.30 -2.64
C SER A 445 -5.96 -13.06 -2.44
N LEU A 446 -5.33 -12.31 -3.34
CA LEU A 446 -3.94 -11.94 -3.13
C LEU A 446 -3.78 -11.03 -1.92
N ASP A 447 -4.71 -10.08 -1.74
CA ASP A 447 -4.66 -9.25 -0.54
C ASP A 447 -4.87 -10.07 0.71
N PHE A 448 -5.81 -11.02 0.67
N PHE A 448 -5.81 -11.01 0.69
CA PHE A 448 -6.06 -11.89 1.82
CA PHE A 448 -6.04 -11.88 1.84
C PHE A 448 -4.89 -12.83 2.08
C PHE A 448 -4.88 -12.83 2.08
N ALA A 449 -4.07 -13.11 1.05
CA ALA A 449 -2.91 -13.96 1.23
C ALA A 449 -1.69 -13.20 1.73
N GLY A 450 -1.76 -11.87 1.79
CA GLY A 450 -0.64 -11.08 2.28
C GLY A 450 0.32 -10.67 1.18
N TYR A 451 -0.21 -10.32 0.02
CA TYR A 451 0.63 -9.87 -1.08
C TYR A 451 1.41 -8.63 -0.68
N VAL A 452 2.71 -8.65 -0.93
CA VAL A 452 3.58 -7.53 -0.61
C VAL A 452 3.76 -6.69 -1.86
N THR A 453 3.50 -5.39 -1.73
CA THR A 453 3.64 -4.48 -2.86
C THR A 453 5.07 -4.49 -3.36
N ARG A 454 5.25 -4.68 -4.67
CA ARG A 454 6.53 -5.06 -5.25
C ARG A 454 7.04 -6.29 -4.50
N GLY A 455 8.17 -6.18 -3.82
CA GLY A 455 8.43 -7.07 -2.72
C GLY A 455 9.31 -8.27 -2.98
N CYS A 456 9.99 -8.35 -4.12
CA CYS A 456 10.87 -9.47 -4.42
C CYS A 456 10.16 -10.81 -4.22
N THR A 457 10.63 -11.60 -3.27
CA THR A 457 9.96 -12.84 -2.92
C THR A 457 8.64 -12.54 -2.22
N GLN A 458 7.56 -13.16 -2.69
CA GLN A 458 6.29 -13.12 -1.99
C GLN A 458 6.21 -14.27 -0.98
N PRO A 459 5.33 -14.17 0.01
CA PRO A 459 5.20 -15.26 0.99
C PRO A 459 4.62 -16.51 0.35
N GLY A 460 4.64 -17.60 1.13
CA GLY A 460 4.15 -18.87 0.64
C GLY A 460 2.67 -18.86 0.32
N GLU A 461 1.88 -18.09 1.08
CA GLU A 461 0.44 -18.06 0.84
C GLU A 461 0.12 -17.37 -0.48
N VAL A 462 0.84 -16.30 -0.82
CA VAL A 462 0.60 -15.61 -2.08
C VAL A 462 1.05 -16.48 -3.25
N LYS A 463 2.17 -17.18 -3.09
CA LYS A 463 2.62 -18.09 -4.14
C LYS A 463 1.61 -19.22 -4.34
N LEU A 464 1.04 -19.73 -3.25
CA LEU A 464 0.01 -20.75 -3.35
C LEU A 464 -1.23 -20.22 -4.07
N THR A 465 -1.65 -18.99 -3.74
CA THR A 465 -2.81 -18.41 -4.41
C THR A 465 -2.54 -18.19 -5.89
N LEU A 466 -1.32 -17.77 -6.25
CA LEU A 466 -0.99 -17.61 -7.66
C LEU A 466 -0.99 -18.95 -8.38
N LYS A 467 -0.45 -20.00 -7.75
CA LYS A 467 -0.48 -21.32 -8.34
C LYS A 467 -1.91 -21.82 -8.52
N ILE A 468 -2.80 -21.52 -7.56
CA ILE A 468 -4.20 -21.90 -7.71
C ILE A 468 -4.87 -21.10 -8.82
N LEU A 469 -4.59 -19.80 -8.89
CA LEU A 469 -5.21 -18.92 -9.88
C LEU A 469 -4.73 -19.21 -11.29
N VAL A 470 -3.59 -19.90 -11.44
CA VAL A 470 -3.13 -20.27 -12.75
C VAL A 470 -3.38 -21.75 -13.09
N SER A 471 -3.48 -22.63 -12.09
CA SER A 471 -3.54 -24.06 -12.37
C SER A 471 -4.75 -24.78 -11.79
N ALA A 472 -5.53 -24.16 -10.91
CA ALA A 472 -6.72 -24.80 -10.37
C ALA A 472 -7.99 -24.21 -10.95
N ALA A 473 -8.18 -22.89 -10.80
CA ALA A 473 -9.37 -22.25 -11.35
C ALA A 473 -9.44 -22.32 -12.88
N PRO A 474 -8.36 -22.02 -13.63
CA PRO A 474 -8.46 -22.22 -15.09
C PRO A 474 -8.75 -23.66 -15.50
N ILE A 475 -8.19 -24.63 -14.78
CA ILE A 475 -8.44 -26.03 -15.12
C ILE A 475 -9.89 -26.39 -14.84
N VAL A 476 -10.44 -25.93 -13.71
CA VAL A 476 -11.84 -26.21 -13.39
C VAL A 476 -12.75 -25.56 -14.43
N LEU A 477 -12.46 -24.32 -14.82
CA LEU A 477 -13.29 -23.65 -15.81
C LEU A 477 -13.21 -24.34 -17.16
N ILE A 478 -12.02 -24.78 -17.57
CA ILE A 478 -11.87 -25.47 -18.85
C ILE A 478 -12.59 -26.81 -18.81
N ILE A 479 -12.54 -27.51 -17.68
CA ILE A 479 -13.26 -28.78 -17.55
C ILE A 479 -14.76 -28.55 -17.65
N ILE A 480 -15.27 -27.51 -17.00
CA ILE A 480 -16.69 -27.20 -17.09
C ILE A 480 -17.09 -26.87 -18.53
N GLY A 481 -16.28 -26.06 -19.21
CA GLY A 481 -16.56 -25.73 -20.60
C GLY A 481 -16.55 -26.95 -21.50
N LEU A 482 -15.58 -27.84 -21.29
CA LEU A 482 -15.51 -29.07 -22.07
C LEU A 482 -16.72 -29.95 -21.82
N LEU A 483 -17.15 -30.06 -20.56
CA LEU A 483 -18.32 -30.87 -20.25
C LEU A 483 -19.58 -30.28 -20.87
N ILE A 484 -19.69 -28.95 -20.91
CA ILE A 484 -20.80 -28.32 -21.60
C ILE A 484 -20.74 -28.61 -23.09
N PHE A 485 -19.54 -28.55 -23.67
CA PHE A 485 -19.37 -28.87 -25.09
C PHE A 485 -19.63 -30.35 -25.38
N ILE A 486 -19.59 -31.21 -24.37
CA ILE A 486 -19.92 -32.61 -24.59
C ILE A 486 -21.38 -32.77 -25.00
N SER A 487 -22.28 -32.05 -24.31
CA SER A 487 -23.70 -32.07 -24.64
C SER A 487 -23.95 -31.14 -25.82
N TYR A 488 -23.49 -31.60 -27.00
CA TYR A 488 -23.58 -30.84 -28.24
C TYR A 488 -24.36 -31.66 -29.25
N PRO A 489 -25.68 -31.45 -29.34
CA PRO A 489 -26.50 -32.27 -30.25
C PRO A 489 -26.22 -32.03 -31.72
N ILE A 490 -25.59 -30.90 -32.09
CA ILE A 490 -25.32 -30.63 -33.49
C ILE A 490 -24.34 -31.63 -34.06
N ASN A 491 -23.26 -31.92 -33.32
CA ASN A 491 -22.24 -32.89 -33.73
C ASN A 491 -21.61 -32.52 -35.07
N GLU A 492 -21.58 -31.23 -35.38
CA GLU A 492 -20.94 -30.67 -36.57
C GLU A 492 -21.58 -31.28 -37.81
N GLU A 493 -20.80 -31.73 -38.80
CA GLU A 493 -21.32 -32.18 -40.09
C GLU A 493 -22.21 -33.41 -39.99
N LYS A 494 -22.29 -34.04 -38.81
CA LYS A 494 -23.26 -35.10 -38.61
C LYS A 494 -24.68 -34.59 -38.81
N ARG A 495 -24.95 -33.37 -38.36
CA ARG A 495 -26.27 -32.76 -38.54
C ARG A 495 -26.24 -31.41 -39.24
N GLN A 496 -25.16 -30.62 -39.06
CA GLN A 496 -25.14 -29.27 -39.59
C GLN A 496 -25.29 -29.24 -41.10
N GLY A 497 -24.58 -30.13 -41.80
CA GLY A 497 -24.76 -30.25 -43.24
C GLY A 497 -26.19 -30.56 -43.62
N ASN A 498 -26.85 -31.43 -42.83
CA ASN A 498 -28.27 -31.68 -43.05
C ASN A 498 -29.07 -30.40 -42.88
N ARG A 499 -28.73 -29.60 -41.86
CA ARG A 499 -29.35 -28.29 -41.72
C ARG A 499 -29.07 -27.41 -42.93
N LYS A 500 -27.86 -27.54 -43.49
CA LYS A 500 -27.57 -26.85 -44.75
C LYS A 500 -28.52 -27.29 -45.85
N LEU A 501 -28.85 -28.59 -45.87
CA LEU A 501 -29.87 -29.07 -46.80
C LEU A 501 -31.21 -28.39 -46.52
N LEU A 502 -31.55 -28.21 -45.24
CA LEU A 502 -32.73 -27.42 -44.90
C LEU A 502 -32.57 -25.99 -45.39
N ASN A 503 -31.36 -25.43 -45.27
CA ASN A 503 -31.08 -24.12 -45.85
C ASN A 503 -31.26 -24.14 -47.36
N GLU A 504 -30.97 -25.27 -48.00
CA GLU A 504 -31.28 -25.41 -49.41
C GLU A 504 -32.78 -25.52 -49.63
N GLN A 505 -33.50 -26.17 -48.71
CA GLN A 505 -34.94 -26.35 -48.88
C GLN A 505 -35.70 -25.05 -48.68
N ARG A 506 -35.35 -24.29 -47.65
CA ARG A 506 -36.03 -23.03 -47.36
C ARG A 506 -35.40 -21.87 -48.13
N ALA B 1 21.48 -2.91 7.12
CA ALA B 1 20.24 -2.14 7.21
C ALA B 1 20.41 -0.75 6.62
N LEU B 2 19.30 -0.08 6.34
CA LEU B 2 19.31 1.24 5.75
C LEU B 2 19.18 2.27 6.87
N ASP B 3 20.07 3.25 6.89
CA ASP B 3 20.12 4.23 7.96
C ASP B 3 19.20 5.40 7.63
N ILE B 4 18.24 5.65 8.51
CA ILE B 4 17.27 6.73 8.34
C ILE B 4 17.66 7.86 9.27
N ASN B 5 17.79 9.06 8.71
CA ASN B 5 18.38 10.19 9.42
C ASN B 5 17.42 11.37 9.40
N SER B 6 16.90 11.73 10.58
CA SER B 6 16.15 12.97 10.73
C SER B 6 17.10 14.01 11.32
N PRO B 7 17.49 15.04 10.56
CA PRO B 7 18.58 15.92 11.01
C PRO B 7 18.27 16.73 12.26
N GLU B 8 17.16 17.44 12.28
CA GLU B 8 16.82 18.29 13.41
C GLU B 8 16.01 17.49 14.42
N ALA B 9 16.61 17.23 15.58
CA ALA B 9 15.87 16.57 16.65
C ALA B 9 14.82 17.51 17.26
N GLU B 10 15.05 18.81 17.19
CA GLU B 10 14.12 19.82 17.69
C GLU B 10 13.86 20.85 16.61
N LYS B 11 12.60 21.18 16.38
CA LYS B 11 12.22 22.24 15.46
C LYS B 11 11.25 23.19 16.15
N ASN B 12 11.36 24.47 15.80
CA ASN B 12 10.51 25.51 16.36
C ASN B 12 9.49 25.98 15.34
N ALA B 13 8.23 26.08 15.77
CA ALA B 13 7.12 26.55 14.96
C ALA B 13 5.96 26.84 15.88
N LYS B 14 5.18 27.87 15.57
CA LYS B 14 4.12 28.33 16.46
C LYS B 14 2.72 28.10 15.88
N GLY B 15 2.41 28.74 14.75
CA GLY B 15 1.12 28.52 14.13
C GLY B 15 1.12 28.59 12.62
N ALA B 16 2.27 28.46 11.98
CA ALA B 16 2.38 28.75 10.56
C ALA B 16 2.66 27.52 9.71
N ARG B 17 3.76 26.82 9.94
CA ARG B 17 4.18 25.74 9.06
C ARG B 17 5.39 25.04 9.64
N ALA B 18 5.44 23.72 9.48
CA ALA B 18 6.62 22.94 9.84
C ALA B 18 6.95 21.99 8.71
N ARG B 19 8.25 21.85 8.40
CA ARG B 19 8.75 20.99 7.33
C ARG B 19 9.79 20.06 7.92
N ILE B 20 9.35 18.92 8.44
CA ILE B 20 10.25 17.96 9.05
C ILE B 20 10.88 17.09 7.96
N THR B 21 12.21 17.02 7.94
CA THR B 21 12.93 16.34 6.88
C THR B 21 13.46 15.01 7.38
N CYS B 22 13.35 13.99 6.52
CA CYS B 22 13.90 12.66 6.77
C CYS B 22 14.82 12.30 5.62
N ASN B 23 16.05 11.92 5.94
CA ASN B 23 17.05 11.57 4.95
C ASN B 23 17.39 10.10 5.09
N ALA B 24 17.31 9.36 3.99
CA ALA B 24 17.55 7.93 4.00
C ALA B 24 18.95 7.63 3.53
N GLY B 25 19.62 6.68 4.19
CA GLY B 25 20.96 6.30 3.79
C GLY B 25 21.04 5.63 2.44
N ASN B 26 19.90 5.24 1.87
CA ASN B 26 19.85 4.54 0.61
C ASN B 26 18.55 4.90 -0.09
N GLN B 27 18.54 4.77 -1.41
CA GLN B 27 17.34 5.05 -2.20
C GLN B 27 16.22 4.09 -1.82
N VAL B 28 15.15 4.60 -1.21
CA VAL B 28 14.09 3.75 -0.68
C VAL B 28 12.86 3.72 -1.57
N GLY B 29 12.90 4.38 -2.73
CA GLY B 29 11.78 4.29 -3.67
C GLY B 29 10.48 4.84 -3.14
N SER B 30 10.52 5.99 -2.49
CA SER B 30 9.34 6.70 -1.97
C SER B 30 8.59 5.89 -0.93
N ALA B 31 9.26 4.96 -0.26
CA ALA B 31 8.63 4.13 0.77
C ALA B 31 9.09 4.61 2.14
N VAL B 32 8.43 5.64 2.65
CA VAL B 32 8.69 6.17 3.98
C VAL B 32 7.38 6.41 4.69
N ALA B 33 7.22 5.82 5.87
CA ALA B 33 6.07 6.03 6.73
C ALA B 33 6.41 7.06 7.80
N TRP B 34 5.39 7.71 8.32
CA TRP B 34 5.55 8.75 9.32
C TRP B 34 4.64 8.46 10.50
N PHE B 35 5.18 8.62 11.71
CA PHE B 35 4.48 8.35 12.94
C PHE B 35 4.46 9.59 13.81
N ASN B 36 3.33 9.81 14.48
CA ASN B 36 3.15 10.91 15.42
C ASN B 36 2.96 10.32 16.80
N GLN B 37 3.81 10.71 17.75
CA GLN B 37 3.78 10.15 19.09
C GLN B 37 3.74 11.28 20.09
N ARG B 38 2.64 11.40 20.81
CA ARG B 38 2.57 12.24 21.98
C ARG B 38 3.27 11.52 23.13
N PRO B 39 3.79 12.25 24.11
CA PRO B 39 4.49 11.60 25.23
C PRO B 39 3.56 10.67 25.99
N GLY B 40 4.08 9.49 26.32
CA GLY B 40 3.32 8.49 27.03
C GLY B 40 2.29 7.73 26.21
N ASP B 41 2.32 7.87 24.89
CA ASP B 41 1.36 7.21 24.01
C ASP B 41 2.11 6.55 22.86
N PRO B 42 1.56 5.47 22.30
CA PRO B 42 2.25 4.78 21.20
C PRO B 42 2.26 5.61 19.94
N ALA B 43 3.23 5.31 19.07
CA ALA B 43 3.33 6.02 17.82
C ALA B 43 2.10 5.77 16.96
N SER B 44 1.63 6.80 16.27
CA SER B 44 0.42 6.74 15.46
C SER B 44 0.78 6.99 14.01
N LEU B 45 0.37 6.09 13.13
CA LEU B 45 0.69 6.20 11.72
C LEU B 45 0.03 7.44 11.13
N LEU B 46 0.81 8.24 10.40
CA LEU B 46 0.29 9.42 9.73
C LEU B 46 0.29 9.27 8.21
N THR B 47 1.44 9.00 7.62
CA THR B 47 1.59 9.02 6.17
C THR B 47 2.43 7.83 5.74
N TYR B 48 1.86 6.94 4.96
CA TYR B 48 2.63 5.83 4.41
C TYR B 48 2.82 6.03 2.91
N TRP B 49 3.83 5.36 2.38
CA TRP B 49 4.29 5.54 1.00
C TRP B 49 4.71 6.99 0.73
N ALA B 50 5.07 7.71 1.78
CA ALA B 50 5.57 9.08 1.76
C ALA B 50 4.56 10.08 1.22
N ALA B 51 3.33 9.67 0.91
CA ALA B 51 2.34 10.66 0.53
C ALA B 51 0.92 10.39 1.04
N THR B 52 0.63 9.26 1.67
CA THR B 52 -0.74 8.79 1.83
C THR B 52 -1.14 8.81 3.30
N GLU B 53 -2.20 9.55 3.62
CA GLU B 53 -2.67 9.65 5.00
C GLU B 53 -3.44 8.39 5.41
N LYS B 54 -3.65 8.24 6.72
CA LYS B 54 -4.42 7.13 7.27
C LYS B 54 -5.36 7.66 8.35
N GLY B 55 -6.53 8.17 7.94
CA GLY B 55 -7.48 8.74 8.89
C GLY B 55 -6.92 9.88 9.71
N VAL B 56 -6.08 10.71 9.09
CA VAL B 56 -5.33 11.74 9.78
C VAL B 56 -5.93 13.10 9.40
N ALA B 57 -5.72 14.08 10.29
CA ALA B 57 -6.12 15.45 10.00
C ALA B 57 -5.46 15.94 8.72
N GLY B 58 -6.21 16.72 7.94
CA GLY B 58 -5.77 17.10 6.60
C GLY B 58 -4.55 18.00 6.56
N LYS B 59 -4.18 18.59 7.71
CA LYS B 59 -3.04 19.51 7.71
C LYS B 59 -1.72 18.78 7.48
N GLN B 60 -1.64 17.49 7.81
CA GLN B 60 -0.41 16.73 7.64
C GLN B 60 -0.32 16.25 6.20
N SER B 61 0.66 16.78 5.46
CA SER B 61 0.95 16.29 4.12
C SER B 61 2.39 15.83 4.08
N ALA B 62 2.76 15.11 3.02
CA ALA B 62 4.14 14.66 2.91
C ALA B 62 4.59 14.74 1.47
N GLN B 63 5.90 14.56 1.28
CA GLN B 63 6.55 14.80 0.00
C GLN B 63 7.85 14.04 0.00
N GLY B 64 8.36 13.75 -1.19
CA GLY B 64 9.66 13.13 -1.30
C GLY B 64 9.74 12.03 -2.33
N ALA B 65 10.72 12.10 -3.22
CA ALA B 65 10.86 11.11 -4.28
C ALA B 65 11.73 9.94 -3.84
N SER B 66 12.94 10.23 -3.42
CA SER B 66 13.85 9.21 -2.93
C SER B 66 14.99 9.90 -2.17
N THR B 67 15.38 9.31 -1.04
CA THR B 67 16.55 9.71 -0.27
C THR B 67 16.37 11.07 0.40
N LYS B 68 15.25 11.75 0.13
CA LYS B 68 14.96 13.04 0.75
C LYS B 68 13.45 13.16 0.86
N PHE B 69 12.93 13.15 2.09
CA PHE B 69 11.49 13.20 2.31
C PHE B 69 11.17 14.30 3.30
N SER B 70 9.95 14.83 3.21
CA SER B 70 9.49 15.87 4.10
C SER B 70 8.06 15.58 4.53
N MET B 71 7.73 15.99 5.74
CA MET B 71 6.37 16.05 6.21
C MET B 71 6.06 17.47 6.60
N SER B 72 4.98 18.01 6.05
CA SER B 72 4.60 19.40 6.23
C SER B 72 3.33 19.48 7.06
N SER B 73 3.35 20.38 8.04
CA SER B 73 2.17 20.73 8.83
C SER B 73 1.88 22.19 8.51
N ALA B 74 0.83 22.42 7.71
CA ALA B 74 0.48 23.76 7.27
C ALA B 74 -0.36 24.53 8.28
N GLY B 75 -0.92 23.85 9.27
CA GLY B 75 -1.77 24.48 10.25
C GLY B 75 -1.44 24.13 11.69
N PRO B 76 -0.15 24.10 12.05
CA PRO B 76 0.26 23.41 13.29
C PRO B 76 -0.44 23.97 14.52
N GLU B 77 -1.06 23.07 15.28
CA GLU B 77 -1.81 23.41 16.47
C GLU B 77 -1.10 22.87 17.70
N ALA B 78 -1.75 23.02 18.86
CA ALA B 78 -1.22 22.46 20.08
C ALA B 78 -1.04 20.94 20.04
N PRO B 79 -1.99 20.14 19.53
CA PRO B 79 -1.71 18.69 19.42
C PRO B 79 -0.55 18.35 18.52
N SER B 80 -0.28 19.15 17.48
CA SER B 80 0.76 18.83 16.53
C SER B 80 2.17 18.99 17.08
N LEU B 81 2.31 19.52 18.30
CA LEU B 81 3.61 19.66 18.95
C LEU B 81 3.95 18.37 19.68
N SER B 82 4.29 17.35 18.88
CA SER B 82 4.63 16.03 19.41
C SER B 82 5.91 15.53 18.79
N SER B 83 6.24 14.26 19.02
CA SER B 83 7.47 13.67 18.49
C SER B 83 7.15 12.92 17.21
N TYR B 84 7.87 13.23 16.13
CA TYR B 84 7.57 12.67 14.83
C TYR B 84 8.71 11.75 14.38
N TRP B 85 8.34 10.57 13.92
CA TRP B 85 9.30 9.55 13.49
C TRP B 85 9.07 9.21 12.02
N CYS B 86 10.14 8.86 11.32
CA CYS B 86 10.03 8.35 9.96
C CYS B 86 10.63 6.96 9.89
N LEU B 87 9.96 6.10 9.14
CA LEU B 87 10.32 4.69 9.03
C LEU B 87 10.50 4.34 7.57
N LEU B 88 11.44 3.45 7.29
CA LEU B 88 11.56 2.87 5.96
C LEU B 88 10.81 1.56 5.92
N PHE B 89 10.13 1.32 4.82
CA PHE B 89 9.63 -0.02 4.53
C PHE B 89 10.06 -0.41 3.13
N GLU B 90 11.36 -0.24 2.87
CA GLU B 90 12.03 -0.76 1.68
C GLU B 90 12.86 -2.00 1.97
N LYS B 91 13.51 -2.07 3.13
CA LYS B 91 14.42 -3.15 3.44
C LYS B 91 13.89 -3.98 4.59
N GLY B 92 14.51 -5.14 4.80
CA GLY B 92 14.00 -6.10 5.75
C GLY B 92 14.06 -5.62 7.19
N ALA B 93 15.16 -4.99 7.57
CA ALA B 93 15.33 -4.48 8.93
C ALA B 93 14.86 -3.03 8.95
N PHE B 94 13.69 -2.80 9.55
CA PHE B 94 13.05 -1.49 9.52
C PHE B 94 13.74 -0.54 10.51
N SER B 95 13.82 0.75 10.13
CA SER B 95 14.61 1.72 10.87
C SER B 95 13.85 3.03 11.03
N PHE B 96 14.19 3.78 12.09
CA PHE B 96 13.48 4.99 12.50
C PHE B 96 14.47 6.11 12.79
N GLY B 97 14.02 7.37 12.70
CA GLY B 97 14.93 8.48 12.96
C GLY B 97 14.76 9.37 14.20
N GLY B 98 13.56 9.83 14.52
CA GLY B 98 13.34 10.66 15.69
C GLY B 98 13.41 12.17 15.52
N SER B 99 12.29 12.89 15.71
CA SER B 99 12.27 14.34 15.66
C SER B 99 11.12 14.87 16.51
N LYS B 100 11.20 16.15 16.89
CA LYS B 100 10.22 16.75 17.79
C LYS B 100 10.04 18.23 17.46
N LEU B 101 8.85 18.75 17.77
CA LEU B 101 8.48 20.15 17.60
C LEU B 101 8.33 20.84 18.95
N ASN B 102 8.41 22.17 18.93
CA ASN B 102 8.13 22.99 20.11
C ASN B 102 7.81 24.41 19.67
N PRO B 103 7.08 25.18 20.47
CA PRO B 103 6.76 26.57 20.08
C PRO B 103 7.96 27.48 20.28
N ARG B 104 7.81 28.70 19.77
CA ARG B 104 8.84 29.73 19.85
C ARG B 104 8.46 30.80 20.88
N GLU B 105 9.48 31.34 21.54
CA GLU B 105 9.30 32.39 22.55
C GLU B 105 10.52 33.30 22.48
N GLY B 106 10.73 34.10 23.53
CA GLY B 106 11.86 35.01 23.57
C GLY B 106 13.08 34.38 24.18
N ALA B 107 13.50 34.88 25.35
CA ALA B 107 14.69 34.36 26.04
C ALA B 107 14.63 34.80 27.49
N GLY B 108 15.73 34.64 28.21
CA GLY B 108 15.86 35.13 29.56
C GLY B 108 15.92 34.01 30.58
N PRO B 109 17.12 33.70 31.06
CA PRO B 109 17.28 32.66 32.08
C PRO B 109 17.19 33.21 33.49
N GLN B 110 16.89 32.30 34.42
CA GLN B 110 16.86 32.61 35.84
C GLN B 110 17.57 31.48 36.57
N ALA B 111 18.29 31.80 37.64
CA ALA B 111 19.06 30.80 38.38
C ALA B 111 18.91 31.02 39.87
N SER B 112 19.00 29.93 40.63
CA SER B 112 18.96 30.00 42.09
C SER B 112 19.69 28.80 42.68
N ILE B 113 20.57 29.06 43.64
CA ILE B 113 21.37 28.02 44.27
C ILE B 113 20.84 27.77 45.68
N LEU B 114 20.79 26.50 46.07
CA LEU B 114 20.24 26.10 47.35
C LEU B 114 21.21 25.14 48.03
N PRO B 115 21.64 25.44 49.25
CA PRO B 115 22.58 24.57 49.96
C PRO B 115 21.89 23.35 50.53
N PRO B 116 22.65 22.34 50.94
CA PRO B 116 22.02 21.16 51.56
C PRO B 116 21.31 21.51 52.86
N SER B 117 20.24 20.78 53.13
CA SER B 117 19.46 21.00 54.34
C SER B 117 20.16 20.35 55.54
N ALA B 118 19.74 20.76 56.73
CA ALA B 118 20.29 20.21 57.95
C ALA B 118 19.98 18.72 58.09
N ASP B 119 18.77 18.32 57.65
CA ASP B 119 18.40 16.91 57.70
C ASP B 119 19.31 16.06 56.83
N LEU B 120 19.62 16.53 55.62
CA LEU B 120 20.53 15.80 54.75
C LEU B 120 21.94 15.77 55.32
N ASN B 121 22.38 16.89 55.90
CA ASN B 121 23.70 16.95 56.51
C ASN B 121 23.81 15.96 57.67
N THR B 122 22.71 15.76 58.40
CA THR B 122 22.70 14.79 59.48
C THR B 122 22.92 13.37 58.97
N SER B 123 22.23 13.00 57.90
CA SER B 123 22.31 11.64 57.38
C SER B 123 23.40 11.48 56.32
N GLY B 124 24.60 11.95 56.62
CA GLY B 124 25.78 11.66 55.83
C GLY B 124 25.71 12.04 54.37
N GLY B 125 25.19 13.23 54.06
CA GLY B 125 25.08 13.64 52.67
C GLY B 125 24.95 15.14 52.55
N ALA B 126 25.22 15.63 51.34
CA ALA B 126 25.13 17.07 51.09
C ALA B 126 24.86 17.29 49.61
N ALA B 127 23.64 17.70 49.26
CA ALA B 127 23.27 17.97 47.88
C ALA B 127 23.06 19.45 47.70
N VAL B 128 23.85 20.05 46.81
CA VAL B 128 23.70 21.44 46.42
C VAL B 128 22.88 21.48 45.14
N VAL B 129 21.77 22.21 45.15
CA VAL B 129 20.79 22.15 44.07
C VAL B 129 20.74 23.50 43.36
N CYS B 130 20.92 23.48 42.05
CA CYS B 130 20.86 24.68 41.22
C CYS B 130 19.63 24.57 40.34
N PHE B 131 18.72 25.54 40.46
CA PHE B 131 17.48 25.59 39.70
C PHE B 131 17.60 26.66 38.62
N LEU B 132 17.17 26.32 37.41
CA LEU B 132 17.12 27.24 36.28
C LEU B 132 15.72 27.12 35.70
N PRO B 133 14.74 27.77 36.34
CA PRO B 133 13.33 27.42 36.09
C PRO B 133 12.77 27.91 34.76
N ASN B 134 13.19 29.08 34.28
CA ASN B 134 12.57 29.70 33.12
C ASN B 134 13.64 30.23 32.19
N TRP B 135 13.76 29.62 31.02
CA TRP B 135 14.61 30.12 29.95
C TRP B 135 14.17 29.49 28.64
N TYR B 136 14.69 30.03 27.53
CA TYR B 136 14.40 29.51 26.21
C TYR B 136 15.69 29.14 25.50
N GLY B 137 15.78 27.89 25.04
CA GLY B 137 16.90 27.44 24.26
C GLY B 137 17.62 26.24 24.85
N ASN B 138 18.94 26.29 24.84
CA ASN B 138 19.79 25.29 25.47
C ASN B 138 20.80 26.01 26.36
N ILE B 139 21.17 25.36 27.46
CA ILE B 139 21.96 26.01 28.51
C ILE B 139 22.97 25.00 29.04
N THR B 140 24.07 25.52 29.59
CA THR B 140 25.10 24.69 30.21
C THR B 140 25.34 25.16 31.63
N VAL B 141 25.47 24.19 32.55
CA VAL B 141 25.64 24.46 33.97
C VAL B 141 27.03 23.97 34.38
N GLN B 142 27.80 24.84 35.04
CA GLN B 142 29.12 24.52 35.53
C GLN B 142 29.16 24.68 37.04
N TRP B 143 29.78 23.73 37.72
CA TRP B 143 29.92 23.77 39.18
C TRP B 143 31.35 24.11 39.54
N LYS B 144 31.53 25.08 40.42
CA LYS B 144 32.86 25.49 40.88
C LYS B 144 32.88 25.46 42.40
N THR B 145 33.48 24.41 42.95
CA THR B 145 33.79 24.37 44.39
C THR B 145 35.20 24.89 44.61
N GLU B 146 35.42 26.12 44.12
CA GLU B 146 36.70 26.77 43.86
C GLU B 146 37.46 26.04 42.75
N ALA B 147 36.87 25.04 42.11
CA ALA B 147 37.46 24.29 41.02
C ALA B 147 36.34 23.58 40.28
N PRO B 148 36.49 23.31 38.98
CA PRO B 148 35.43 22.62 38.24
C PRO B 148 35.16 21.23 38.79
N GLN B 149 33.90 20.83 38.78
CA GLN B 149 33.46 19.54 39.27
C GLN B 149 32.70 18.81 38.17
N SER B 150 32.87 17.49 38.11
CA SER B 150 32.23 16.66 37.09
C SER B 150 31.46 15.50 37.70
N GLN B 151 30.89 15.70 38.88
CA GLN B 151 30.07 14.68 39.54
C GLN B 151 28.61 15.14 39.69
N ALA B 152 28.17 16.08 38.86
CA ALA B 152 26.83 16.64 38.97
C ALA B 152 25.84 15.88 38.09
N ASN B 153 24.62 15.71 38.60
CA ASN B 153 23.55 15.07 37.87
C ASN B 153 22.53 16.12 37.44
N MET B 154 22.17 16.11 36.16
CA MET B 154 21.33 17.15 35.59
C MET B 154 20.04 16.54 35.05
N SER B 155 18.95 17.32 35.13
CA SER B 155 17.68 16.91 34.57
C SER B 155 16.96 18.11 34.00
N TRP B 156 16.21 17.89 32.92
CA TRP B 156 15.53 18.94 32.19
C TRP B 156 14.07 18.54 31.98
N PRO B 157 13.11 19.40 32.28
CA PRO B 157 11.71 19.10 31.94
C PRO B 157 11.45 19.28 30.46
N GLY B 158 10.19 19.13 30.06
CA GLY B 158 9.81 19.44 28.69
C GLY B 158 9.62 20.93 28.56
N GLN B 159 8.53 21.36 27.94
CA GLN B 159 8.22 22.78 27.81
C GLN B 159 6.94 23.08 28.58
N ALA B 160 6.98 24.17 29.34
CA ALA B 160 5.81 24.57 30.12
C ALA B 160 4.65 24.92 29.18
N GLY B 161 3.44 24.48 29.57
CA GLY B 161 2.28 24.73 28.74
C GLY B 161 1.95 26.20 28.60
N ALA B 162 2.12 26.96 29.68
CA ALA B 162 1.80 28.38 29.68
C ALA B 162 3.03 29.24 29.40
N ASN B 163 4.11 29.02 30.15
CA ASN B 163 5.29 29.85 30.02
C ASN B 163 6.05 29.63 28.71
N ALA B 164 5.91 28.44 28.12
CA ALA B 164 6.63 28.07 26.90
C ALA B 164 8.14 28.23 27.08
N ALA B 165 8.62 27.91 28.28
CA ALA B 165 10.02 28.02 28.62
C ALA B 165 10.47 26.75 29.32
N TYR B 166 11.75 26.42 29.17
CA TYR B 166 12.29 25.21 29.74
C TYR B 166 12.88 25.49 31.13
N ALA B 167 13.25 24.41 31.81
CA ALA B 167 13.86 24.50 33.13
C ALA B 167 15.04 23.55 33.19
N MET B 168 15.73 23.55 34.34
CA MET B 168 16.84 22.64 34.54
C MET B 168 17.13 22.53 36.03
N ALA B 169 17.46 21.33 36.48
CA ALA B 169 17.90 21.11 37.85
C ALA B 169 19.24 20.40 37.83
N ALA B 170 20.23 20.97 38.52
CA ALA B 170 21.55 20.37 38.63
C ALA B 170 21.80 20.07 40.10
N VAL B 171 22.11 18.82 40.41
CA VAL B 171 22.32 18.38 41.78
C VAL B 171 23.77 17.93 41.92
N LEU B 172 24.46 18.49 42.92
CA LEU B 172 25.83 18.12 43.25
C LEU B 172 25.80 17.38 44.58
N ALA B 173 26.02 16.08 44.53
CA ALA B 173 26.03 15.24 45.73
C ALA B 173 27.45 15.07 46.22
N ILE B 174 27.72 15.50 47.45
CA ILE B 174 29.02 15.40 48.08
C ILE B 174 28.82 14.84 49.48
N THR B 175 29.72 13.94 49.89
CA THR B 175 29.69 13.40 51.24
C THR B 175 30.12 14.48 52.25
N LYS B 176 29.83 14.21 53.52
CA LYS B 176 30.17 15.15 54.58
C LYS B 176 31.67 15.34 54.71
N GLY B 177 32.45 14.25 54.52
CA GLY B 177 33.89 14.35 54.65
C GLY B 177 34.52 15.24 53.60
N ASP B 178 33.99 15.21 52.38
CA ASP B 178 34.49 16.04 51.29
C ASP B 178 33.75 17.37 51.18
N TYR B 179 33.11 17.82 52.26
CA TYR B 179 32.31 19.03 52.27
C TYR B 179 33.07 20.21 52.86
N GLY B 180 34.38 20.29 52.62
CA GLY B 180 35.15 21.44 53.06
C GLY B 180 36.02 22.12 52.02
N PRO B 181 35.55 22.28 50.78
CA PRO B 181 36.42 22.85 49.75
C PRO B 181 36.36 24.37 49.60
N GLY B 182 35.55 25.06 50.40
CA GLY B 182 35.43 26.50 50.29
C GLY B 182 34.01 26.98 50.03
N SER B 183 33.80 27.62 48.88
CA SER B 183 32.50 28.14 48.48
C SER B 183 32.04 27.46 47.20
N PHE B 184 30.74 27.20 47.10
CA PHE B 184 30.16 26.50 45.97
C PHE B 184 29.43 27.50 45.07
N THR B 185 29.77 27.51 43.79
CA THR B 185 29.14 28.38 42.82
C THR B 185 28.54 27.57 41.68
N CYS B 186 27.36 27.98 41.24
CA CYS B 186 26.71 27.44 40.05
C CYS B 186 26.70 28.51 38.98
N ASN B 187 27.26 28.20 37.82
CA ASN B 187 27.38 29.14 36.71
C ASN B 187 26.53 28.65 35.55
N ALA B 188 25.74 29.55 34.98
CA ALA B 188 24.86 29.24 33.86
C ALA B 188 25.36 29.94 32.61
N SER B 189 25.30 29.24 31.47
CA SER B 189 25.71 29.83 30.21
C SER B 189 24.62 29.62 29.16
N ASN B 190 23.66 30.54 29.10
CA ASN B 190 22.58 30.43 28.13
C ASN B 190 22.89 31.30 26.90
N ARG B 191 21.93 31.42 25.99
CA ARG B 191 22.14 32.28 24.82
C ARG B 191 22.03 33.74 25.23
N GLY B 192 22.77 34.14 26.26
CA GLY B 192 22.81 35.53 26.69
C GLY B 192 24.20 36.11 26.61
N THR B 193 24.74 36.51 27.77
CA THR B 193 26.09 37.07 27.86
C THR B 193 26.52 37.05 29.31
N GLY B 194 27.65 36.42 29.59
CA GLY B 194 28.19 36.39 30.93
C GLY B 194 27.67 35.21 31.73
N PRO B 195 28.43 34.82 32.76
CA PRO B 195 28.03 33.67 33.57
C PRO B 195 27.08 34.04 34.70
N PHE B 196 25.89 33.44 34.72
CA PHE B 196 24.93 33.66 35.80
C PHE B 196 25.37 32.84 37.00
N ALA B 197 26.30 33.40 37.76
CA ALA B 197 26.93 32.70 38.88
C ALA B 197 26.18 33.02 40.17
N MET B 198 25.64 31.99 40.81
CA MET B 198 25.04 32.12 42.13
C MET B 198 25.84 31.23 43.09
N SER B 199 26.21 31.78 44.23
CA SER B 199 27.18 31.12 45.09
C SER B 199 26.72 31.10 46.55
N LEU B 200 27.25 30.14 47.29
CA LEU B 200 27.06 30.05 48.73
C LEU B 200 28.38 29.69 49.38
N ASN B 201 28.52 30.07 50.65
CA ASN B 201 29.74 29.79 51.40
C ASN B 201 29.43 29.02 52.68
N ALA C 1 -12.41 -3.07 16.39
CA ALA C 1 -11.22 -2.55 15.70
C ALA C 1 -9.98 -3.31 16.13
N SER C 2 -8.95 -3.27 15.29
CA SER C 2 -7.70 -3.95 15.60
C SER C 2 -7.01 -3.23 16.75
N LYS C 3 -6.93 -3.89 17.91
CA LYS C 3 -6.30 -3.30 19.08
C LYS C 3 -5.46 -4.35 19.78
N LEU C 4 -4.32 -3.92 20.32
CA LEU C 4 -3.33 -4.82 20.90
C LEU C 4 -3.11 -4.40 22.35
N GLU C 5 -3.50 -5.28 23.27
CA GLU C 5 -3.45 -5.02 24.71
C GLU C 5 -2.24 -5.71 25.31
N LEU C 6 -1.38 -4.96 25.99
CA LEU C 6 -0.14 -5.50 26.51
C LEU C 6 -0.20 -5.68 28.02
N SER C 7 0.82 -6.37 28.54
CA SER C 7 0.97 -6.53 29.97
C SER C 7 1.38 -5.22 30.61
N GLY C 8 1.29 -5.18 31.94
CA GLY C 8 1.70 -4.02 32.69
C GLY C 8 3.20 -3.93 32.80
N PRO C 9 3.66 -2.92 33.53
CA PRO C 9 5.10 -2.76 33.74
C PRO C 9 5.70 -3.95 34.47
N ALA C 10 6.91 -4.30 34.09
CA ALA C 10 7.64 -5.41 34.69
C ALA C 10 8.93 -4.91 35.30
N GLU C 11 9.32 -5.49 36.43
CA GLU C 11 10.53 -5.10 37.14
C GLU C 11 11.38 -6.32 37.43
N PRO C 12 12.11 -6.82 36.44
CA PRO C 12 13.08 -7.89 36.68
C PRO C 12 14.32 -7.35 37.38
N ARG C 13 15.20 -8.27 37.77
CA ARG C 13 16.35 -7.95 38.60
C ARG C 13 17.64 -8.35 37.89
N GLY C 14 18.29 -7.38 37.24
CA GLY C 14 19.65 -7.56 36.77
C GLY C 14 19.80 -8.49 35.58
N SER C 15 19.60 -9.78 35.79
CA SER C 15 19.79 -10.78 34.75
C SER C 15 18.66 -11.80 34.75
N LYS C 16 17.45 -11.34 35.07
CA LYS C 16 16.28 -12.20 35.07
C LYS C 16 15.71 -12.30 33.65
N SER C 17 14.51 -12.84 33.53
CA SER C 17 13.82 -12.91 32.25
C SER C 17 12.42 -12.31 32.39
N ALA C 18 12.03 -11.53 31.39
CA ALA C 18 10.73 -10.89 31.37
C ALA C 18 9.98 -11.31 30.12
N GLN C 19 8.72 -11.71 30.30
CA GLN C 19 7.87 -12.12 29.19
C GLN C 19 6.77 -11.08 29.01
N ILE C 20 6.71 -10.50 27.82
CA ILE C 20 5.78 -9.42 27.50
C ILE C 20 4.71 -9.97 26.57
N THR C 21 3.45 -9.79 26.95
CA THR C 21 2.32 -10.31 26.20
C THR C 21 1.69 -9.20 25.35
N CYS C 22 1.07 -9.61 24.26
CA CYS C 22 0.38 -8.72 23.32
C CYS C 22 -0.85 -9.48 22.83
N LYS C 23 -1.98 -9.27 23.50
CA LYS C 23 -3.25 -9.80 23.05
C LYS C 23 -3.74 -9.01 21.85
N ALA C 24 -4.23 -9.70 20.83
CA ALA C 24 -4.65 -9.08 19.59
C ALA C 24 -6.15 -9.20 19.43
N LYS C 25 -6.79 -8.14 18.94
CA LYS C 25 -8.22 -8.18 18.68
C LYS C 25 -8.53 -7.46 17.37
N GLY C 26 -9.57 -7.94 16.70
CA GLY C 26 -10.08 -7.30 15.51
C GLY C 26 -9.55 -7.81 14.20
N PHE C 27 -8.64 -8.77 14.20
CA PHE C 27 -8.08 -9.28 12.96
C PHE C 27 -7.63 -10.72 13.17
N PRO C 28 -7.57 -11.53 12.12
CA PRO C 28 -6.98 -12.86 12.26
C PRO C 28 -5.49 -12.77 12.53
N GLU C 29 -5.08 -13.11 13.75
CA GLU C 29 -3.68 -12.95 14.13
C GLU C 29 -2.77 -13.83 13.29
N ALA C 30 -3.26 -14.98 12.83
CA ALA C 30 -2.47 -15.88 12.00
C ALA C 30 -2.18 -15.30 10.63
N ARG C 31 -2.83 -14.20 10.24
CA ARG C 31 -2.66 -13.64 8.91
C ARG C 31 -1.68 -12.48 8.85
N PHE C 32 -1.26 -11.92 9.98
CA PHE C 32 -0.43 -10.72 9.98
C PHE C 32 0.81 -10.92 10.83
N TRP C 33 1.90 -10.31 10.40
CA TRP C 33 3.14 -10.31 11.17
C TRP C 33 3.02 -9.31 12.31
N VAL C 34 3.10 -9.77 13.55
CA VAL C 34 3.10 -8.89 14.70
C VAL C 34 4.54 -8.57 15.06
N PHE C 35 4.88 -7.30 15.09
CA PHE C 35 6.24 -6.82 15.27
C PHE C 35 6.49 -6.46 16.71
N TRP C 36 7.74 -6.15 17.03
CA TRP C 36 8.08 -5.65 18.35
C TRP C 36 9.06 -4.52 18.22
N LEU C 37 8.92 -3.51 19.08
CA LEU C 37 9.75 -2.31 19.00
C LEU C 37 10.24 -1.94 20.38
N PHE C 38 11.32 -1.16 20.41
CA PHE C 38 12.16 -0.95 21.58
C PHE C 38 12.51 0.53 21.61
N GLN C 39 11.88 1.28 22.50
CA GLN C 39 12.04 2.73 22.56
C GLN C 39 12.69 3.07 23.90
N ARG C 40 13.99 3.29 23.87
CA ARG C 40 14.74 3.75 25.04
C ARG C 40 15.14 5.20 24.82
N ALA C 41 14.56 6.10 25.62
CA ALA C 41 14.86 7.53 25.57
C ALA C 41 14.65 8.10 24.16
N ALA C 42 13.44 7.91 23.64
CA ALA C 42 12.97 8.54 22.40
C ALA C 42 13.83 8.18 21.19
N ALA C 43 14.03 6.88 20.99
CA ALA C 43 14.75 6.37 19.81
C ALA C 43 14.18 4.99 19.48
N LEU C 44 13.26 4.92 18.54
CA LEU C 44 12.59 3.66 18.23
C LEU C 44 13.55 2.67 17.58
N ASP C 45 13.64 1.47 18.14
CA ASP C 45 14.41 0.38 17.59
C ASP C 45 13.45 -0.75 17.16
N TRP C 46 14.01 -1.76 16.51
CA TRP C 46 13.24 -2.87 15.96
C TRP C 46 13.82 -4.21 16.40
N PRO C 47 13.39 -4.76 17.54
CA PRO C 47 13.83 -6.09 17.94
C PRO C 47 13.57 -7.19 16.91
N ALA C 48 12.33 -7.42 16.52
CA ALA C 48 12.01 -8.57 15.66
C ALA C 48 10.56 -8.50 15.22
N ALA C 49 10.16 -9.52 14.47
CA ALA C 49 8.78 -9.71 14.05
C ALA C 49 8.46 -11.20 14.10
N ASN C 50 7.19 -11.50 14.26
CA ASN C 50 6.73 -12.89 14.35
C ASN C 50 5.45 -13.05 13.54
N PHE C 51 5.47 -13.97 12.59
CA PHE C 51 4.26 -14.37 11.89
C PHE C 51 3.60 -15.45 12.73
N SER C 52 2.35 -15.22 13.14
CA SER C 52 1.72 -16.06 14.14
C SER C 52 1.52 -17.49 13.66
N GLY C 53 1.60 -17.74 12.36
CA GLY C 53 1.50 -19.09 11.84
C GLY C 53 2.78 -19.61 11.22
N GLY C 54 3.92 -19.35 11.86
CA GLY C 54 5.18 -19.77 11.30
C GLY C 54 6.39 -18.97 11.75
N PRO C 55 7.10 -18.38 10.78
CA PRO C 55 8.48 -17.94 11.03
C PRO C 55 8.57 -16.76 11.99
N VAL C 56 9.76 -16.61 12.55
CA VAL C 56 10.13 -15.47 13.38
C VAL C 56 11.43 -14.89 12.84
N GLN C 57 11.46 -13.58 12.62
CA GLN C 57 12.62 -12.93 12.02
C GLN C 57 13.14 -11.87 12.97
N PHE C 58 14.40 -11.97 13.36
CA PHE C 58 15.02 -11.10 14.35
C PHE C 58 15.93 -10.08 13.69
N GLU C 59 16.19 -9.00 14.43
CA GLU C 59 17.28 -8.11 14.12
C GLU C 59 18.60 -8.78 14.51
N SER C 60 19.69 -8.40 13.83
CA SER C 60 20.98 -8.98 14.16
C SER C 60 21.46 -8.59 15.55
N ARG C 61 20.99 -7.46 16.10
CA ARG C 61 21.38 -7.06 17.44
C ARG C 61 20.70 -7.90 18.51
N PHE C 62 19.47 -8.33 18.27
CA PHE C 62 18.68 -9.04 19.26
C PHE C 62 18.68 -10.54 19.07
N GLN C 63 19.59 -11.07 18.25
CA GLN C 63 19.72 -12.52 18.09
C GLN C 63 20.10 -13.16 19.41
N GLY C 64 19.17 -13.92 19.99
CA GLY C 64 19.41 -14.59 21.24
C GLY C 64 19.02 -13.81 22.48
N ASN C 65 18.84 -12.50 22.37
CA ASN C 65 18.36 -11.71 23.48
C ASN C 65 16.83 -11.67 23.51
N ALA C 66 16.21 -11.52 22.34
CA ALA C 66 14.77 -11.60 22.19
C ALA C 66 14.38 -13.00 21.73
N SER C 67 13.19 -13.43 22.15
CA SER C 67 12.67 -14.73 21.72
C SER C 67 11.16 -14.58 21.56
N LEU C 68 10.71 -14.55 20.31
CA LEU C 68 9.32 -14.28 20.00
C LEU C 68 8.56 -15.58 19.79
N LYS C 69 7.33 -15.62 20.29
CA LYS C 69 6.48 -16.78 20.09
C LYS C 69 5.03 -16.31 19.94
N GLY C 70 4.21 -17.16 19.35
CA GLY C 70 2.80 -16.82 19.21
C GLY C 70 1.89 -17.96 19.61
N SER C 71 1.04 -17.74 20.62
CA SER C 71 0.10 -18.76 21.05
C SER C 71 -1.16 -18.60 20.21
N GLN C 72 -1.11 -19.14 18.99
CA GLN C 72 -2.19 -18.92 18.02
C GLN C 72 -3.52 -19.52 18.46
N ALA C 73 -3.51 -20.43 19.44
CA ALA C 73 -4.77 -20.90 20.02
C ALA C 73 -5.56 -19.72 20.59
N GLN C 74 -4.91 -18.90 21.41
CA GLN C 74 -5.44 -17.61 21.78
C GLN C 74 -5.04 -16.59 20.72
N ALA C 75 -5.38 -15.33 20.95
CA ALA C 75 -4.88 -14.24 20.10
C ALA C 75 -3.77 -13.51 20.84
N ASN C 76 -2.67 -14.23 21.08
CA ASN C 76 -1.61 -13.76 21.96
C ASN C 76 -0.25 -13.93 21.30
N ALA C 77 0.56 -12.88 21.35
CA ALA C 77 1.95 -12.94 20.90
C ALA C 77 2.86 -12.49 22.05
N GLU C 78 3.93 -13.24 22.27
CA GLU C 78 4.81 -13.01 23.41
C GLU C 78 6.24 -12.75 22.97
N LEU C 79 6.91 -11.89 23.73
CA LEU C 79 8.33 -11.60 23.58
C LEU C 79 9.02 -11.89 24.90
N ASN C 80 9.89 -12.88 24.92
CA ASN C 80 10.65 -13.24 26.11
C ASN C 80 12.07 -12.67 25.96
N ILE C 81 12.53 -11.95 26.97
CA ILE C 81 13.81 -11.26 26.92
C ILE C 81 14.79 -11.99 27.83
N GLY C 82 16.00 -12.20 27.33
CA GLY C 82 17.02 -12.94 28.06
C GLY C 82 17.75 -12.10 29.08
N ALA C 83 19.09 -12.13 29.05
CA ALA C 83 19.88 -11.39 30.01
C ALA C 83 19.63 -9.90 29.89
N LEU C 84 19.72 -9.19 31.01
CA LEU C 84 19.28 -7.81 31.09
C LEU C 84 20.35 -6.88 31.65
N GLY C 85 19.97 -5.63 31.93
CA GLY C 85 20.86 -4.65 32.52
C GLY C 85 20.78 -3.29 31.86
N SER C 86 20.55 -3.28 30.55
CA SER C 86 20.35 -2.04 29.80
C SER C 86 19.13 -2.11 28.90
N SER C 87 18.28 -3.12 29.08
CA SER C 87 17.08 -3.29 28.28
C SER C 87 15.89 -2.51 28.84
N THR C 88 16.12 -1.63 29.82
CA THR C 88 15.05 -0.80 30.35
C THR C 88 14.59 0.16 29.27
N ALA C 89 13.42 -0.09 28.70
CA ALA C 89 12.87 0.74 27.65
C ALA C 89 11.37 0.49 27.60
N THR C 90 10.71 1.03 26.58
CA THR C 90 9.30 0.77 26.35
C THR C 90 9.18 -0.14 25.13
N TYR C 91 8.42 -1.21 25.27
CA TYR C 91 8.30 -2.21 24.21
C TYR C 91 6.91 -2.16 23.60
N ARG C 92 6.86 -2.03 22.28
CA ARG C 92 5.62 -1.99 21.52
C ARG C 92 5.45 -3.28 20.74
N CYS C 93 4.20 -3.57 20.38
CA CYS C 93 3.90 -4.68 19.48
C CYS C 93 3.02 -4.14 18.36
N GLY C 94 3.64 -3.63 17.32
CA GLY C 94 2.90 -3.27 16.14
C GLY C 94 2.67 -4.47 15.25
N TRP C 95 1.80 -4.28 14.26
CA TRP C 95 1.58 -5.32 13.27
C TRP C 95 1.70 -4.57 11.94
N LYS C 96 2.29 -5.21 10.93
CA LYS C 96 2.49 -4.54 9.66
C LYS C 96 1.28 -4.77 8.77
N LEU C 97 0.98 -3.78 7.94
CA LEU C 97 -0.04 -3.99 6.92
C LEU C 97 0.39 -5.16 6.06
N ALA C 98 -0.57 -6.00 5.68
CA ALA C 98 -0.26 -7.21 4.93
C ALA C 98 0.23 -6.92 3.52
N ASN C 99 0.56 -5.66 3.21
CA ASN C 99 1.18 -5.35 1.95
C ASN C 99 2.34 -4.37 2.03
N GLY C 100 2.48 -3.58 3.09
CA GLY C 100 3.44 -2.51 3.03
C GLY C 100 4.68 -2.61 3.88
N GLY C 101 4.54 -3.08 5.11
CA GLY C 101 5.64 -3.03 6.05
C GLY C 101 5.55 -1.93 7.08
N PHE C 102 4.60 -1.02 6.97
CA PHE C 102 4.39 -0.01 7.99
C PHE C 102 3.39 -0.50 9.03
N PHE C 103 3.38 0.16 10.18
CA PHE C 103 2.68 -0.36 11.35
C PHE C 103 1.43 0.45 11.65
N PRO C 104 0.22 -0.09 11.41
CA PRO C 104 -0.99 0.69 11.69
C PRO C 104 -1.42 0.70 13.16
N SER C 105 -1.22 -0.40 13.88
CA SER C 105 -1.67 -0.52 15.26
C SER C 105 -0.49 -0.73 16.18
N TRP C 106 -0.58 -0.15 17.39
CA TRP C 106 0.54 -0.16 18.33
C TRP C 106 0.02 -0.41 19.74
N GLY C 107 0.95 -0.68 20.64
CA GLY C 107 0.65 -0.95 22.04
C GLY C 107 1.28 -0.05 23.07
N GLY C 108 2.34 -0.55 23.73
CA GLY C 108 3.10 0.17 24.73
C GLY C 108 3.15 -0.45 26.11
N ALA C 109 4.33 -1.00 26.47
CA ALA C 109 4.60 -1.58 27.77
C ALA C 109 6.03 -1.30 28.17
N ASN C 110 6.25 -0.94 29.43
CA ASN C 110 7.54 -0.45 29.89
C ASN C 110 8.18 -1.44 30.85
N VAL C 111 9.45 -1.77 30.61
CA VAL C 111 10.23 -2.63 31.48
C VAL C 111 11.19 -1.76 32.28
N ASN C 112 11.54 -2.22 33.49
CA ASN C 112 12.44 -1.48 34.38
C ASN C 112 13.41 -2.49 35.01
N GLY C 113 14.54 -2.70 34.35
CA GLY C 113 15.53 -3.66 34.81
C GLY C 113 16.51 -3.11 35.83
N ALA C 114 16.06 -2.93 37.07
CA ALA C 114 16.89 -2.44 38.15
C ALA C 114 16.73 -3.35 39.37
N ALA C 115 17.35 -2.95 40.49
CA ALA C 115 17.30 -3.74 41.71
C ALA C 115 17.03 -2.83 42.90
N GLY C 116 16.23 -3.31 43.85
CA GLY C 116 15.94 -2.60 45.07
C GLY C 116 14.55 -1.99 45.06
N ALA C 117 14.05 -1.70 46.27
CA ALA C 117 12.75 -1.04 46.45
C ALA C 117 12.78 -0.34 47.79
N LYS C 118 12.98 0.98 47.78
CA LYS C 118 13.17 1.76 48.99
C LYS C 118 12.17 2.91 49.04
N ALA C 119 12.07 3.52 50.22
CA ALA C 119 11.25 4.67 50.59
C ALA C 119 12.02 5.97 50.34
N PRO C 120 11.36 6.96 49.74
CA PRO C 120 12.07 8.21 49.41
C PRO C 120 12.40 9.03 50.64
N ALA C 121 13.45 9.84 50.50
CA ALA C 121 13.88 10.76 51.54
C ALA C 121 13.65 12.19 51.06
N VAL C 122 12.98 12.99 51.89
CA VAL C 122 12.59 14.35 51.54
C VAL C 122 13.49 15.33 52.28
N TYR C 123 14.11 16.24 51.53
CA TYR C 123 14.95 17.28 52.09
C TYR C 123 14.42 18.65 51.67
N PRO C 124 14.06 19.52 52.60
CA PRO C 124 13.53 20.85 52.24
C PRO C 124 14.62 21.87 51.94
N VAL C 125 15.11 21.86 50.70
CA VAL C 125 16.08 22.85 50.26
C VAL C 125 15.41 24.22 50.25
N GLU C 126 16.07 25.20 50.86
CA GLU C 126 15.48 26.52 51.04
C GLU C 126 16.44 27.64 50.64
N ILE C 127 16.07 28.88 50.95
CA ILE C 127 16.88 30.03 50.56
C ILE C 127 18.19 30.03 51.35
N SER C 128 19.13 30.85 50.87
CA SER C 128 20.44 31.00 51.50
C SER C 128 20.61 32.39 52.12
N GLY C 129 19.52 33.00 52.56
CA GLY C 129 19.58 34.30 53.19
C GLY C 129 19.53 35.46 52.20
N ALA C 130 18.59 35.40 51.26
CA ALA C 130 18.42 36.46 50.29
C ALA C 130 16.97 36.49 49.85
N GLY C 131 16.56 37.64 49.31
CA GLY C 131 15.19 37.81 48.85
C GLY C 131 14.96 39.08 48.06
N THR C 132 14.28 38.95 46.92
CA THR C 132 13.96 40.11 46.09
C THR C 132 12.72 39.76 45.27
N GLY C 133 11.59 40.39 45.60
CA GLY C 133 10.34 40.09 44.92
C GLY C 133 9.88 38.67 45.15
N SER C 134 9.86 37.87 44.09
CA SER C 134 9.53 36.46 44.20
C SER C 134 10.78 35.66 44.53
N VAL C 135 10.61 34.60 45.32
CA VAL C 135 11.71 33.78 45.79
C VAL C 135 11.44 32.33 45.41
N THR C 136 12.50 31.58 45.16
CA THR C 136 12.40 30.20 44.72
C THR C 136 12.67 29.26 45.88
N LEU C 137 11.65 28.51 46.29
CA LEU C 137 11.79 27.44 47.26
C LEU C 137 11.88 26.11 46.54
N GLY C 138 12.26 25.07 47.28
CA GLY C 138 12.51 23.79 46.65
C GLY C 138 12.25 22.62 47.58
N CYS C 139 12.34 21.43 46.98
CA CYS C 139 12.10 20.18 47.70
C CYS C 139 12.82 19.07 46.96
N LEU C 140 13.71 18.36 47.66
CA LEU C 140 14.53 17.32 47.05
C LEU C 140 14.02 15.96 47.51
N VAL C 141 13.77 15.05 46.57
CA VAL C 141 13.36 13.69 46.86
C VAL C 141 14.48 12.77 46.38
N LYS C 142 15.03 11.96 47.28
CA LYS C 142 16.20 11.17 46.96
C LYS C 142 16.03 9.75 47.48
N GLY C 143 16.32 8.75 46.63
CA GLY C 143 16.44 7.39 47.12
C GLY C 143 15.17 6.57 47.14
N TYR C 144 14.51 6.44 45.98
CA TYR C 144 13.32 5.61 45.86
C TYR C 144 13.42 4.79 44.58
N ASN C 145 12.52 3.81 44.43
CA ASN C 145 12.54 2.92 43.26
C ASN C 145 11.14 2.70 42.71
N ALA C 146 10.40 3.78 42.47
CA ALA C 146 9.10 3.71 41.80
C ALA C 146 8.82 5.08 41.18
N LYS C 147 7.55 5.32 40.84
CA LYS C 147 7.14 6.60 40.27
C LYS C 147 6.47 7.44 41.36
N PRO C 148 7.07 8.56 41.77
CA PRO C 148 6.48 9.36 42.85
C PRO C 148 5.54 10.43 42.33
N ASN C 149 4.96 11.22 43.24
CA ASN C 149 4.09 12.33 42.84
C ASN C 149 4.28 13.44 43.87
N LEU C 150 5.01 14.49 43.48
CA LEU C 150 5.26 15.62 44.36
C LEU C 150 4.19 16.68 44.15
N THR C 151 3.71 17.26 45.25
CA THR C 151 2.64 18.25 45.21
C THR C 151 2.90 19.32 46.27
N TRP C 152 2.19 20.43 46.09
CA TRP C 152 2.19 21.58 46.98
C TRP C 152 0.75 21.94 47.32
N PRO C 153 0.51 22.54 48.50
CA PRO C 153 -0.88 22.77 48.92
C PRO C 153 -1.57 23.87 48.13
N GLY C 154 -2.05 23.52 46.93
CA GLY C 154 -2.86 24.44 46.15
C GLY C 154 -2.11 25.53 45.44
N ALA C 155 -0.79 25.47 45.38
CA ALA C 155 0.01 26.46 44.67
C ALA C 155 0.44 25.90 43.33
N SER C 156 0.12 26.61 42.26
CA SER C 156 0.45 26.18 40.90
C SER C 156 1.47 27.15 40.33
N GLY C 157 2.74 26.94 40.70
CA GLY C 157 3.86 27.58 40.07
C GLY C 157 5.02 26.62 40.05
N ALA C 158 4.71 25.37 40.40
CA ALA C 158 5.73 24.36 40.65
C ALA C 158 6.32 23.82 39.36
N LEU C 159 7.58 23.41 39.45
CA LEU C 159 8.27 22.67 38.40
C LEU C 159 8.89 21.44 39.05
N THR C 160 8.37 20.26 38.72
CA THR C 160 8.93 19.00 39.18
C THR C 160 9.74 18.42 38.04
N PHE C 161 11.05 18.39 38.21
CA PHE C 161 11.95 17.91 37.18
C PHE C 161 11.89 16.40 37.07
N PRO C 162 12.15 15.85 35.89
CA PRO C 162 12.16 14.39 35.74
C PRO C 162 13.22 13.74 36.62
N SER C 163 12.88 12.57 37.13
CA SER C 163 13.78 11.84 38.01
C SER C 163 14.96 11.27 37.23
N GLU C 164 16.08 11.11 37.92
CA GLU C 164 17.31 10.61 37.33
C GLU C 164 17.91 9.54 38.22
N LEU C 165 18.67 8.62 37.61
CA LEU C 165 19.27 7.52 38.32
C LEU C 165 20.65 7.92 38.85
N ASN C 166 20.88 7.68 40.14
CA ASN C 166 22.21 7.89 40.73
C ASN C 166 22.57 6.62 41.51
N GLY C 167 23.28 5.71 40.85
CA GLY C 167 23.59 4.42 41.43
C GLY C 167 22.52 3.40 41.06
N ALA C 168 21.59 3.15 41.98
CA ALA C 168 20.46 2.28 41.71
C ALA C 168 19.13 2.90 42.12
N LEU C 169 19.12 4.15 42.56
CA LEU C 169 17.91 4.82 43.03
C LEU C 169 17.65 6.08 42.21
N TRP C 170 16.48 6.65 42.42
CA TRP C 170 16.01 7.80 41.67
C TRP C 170 16.07 9.07 42.52
N ASN C 171 16.33 10.18 41.86
CA ASN C 171 16.41 11.49 42.49
C ASN C 171 15.56 12.47 41.70
N LEU C 172 14.90 13.38 42.41
CA LEU C 172 13.99 14.35 41.81
C LEU C 172 14.03 15.62 42.62
N ALA C 173 13.72 16.74 41.97
CA ALA C 173 13.67 18.03 42.63
C ALA C 173 12.42 18.77 42.20
N SER C 174 11.95 19.65 43.07
CA SER C 174 10.79 20.50 42.78
C SER C 174 11.11 21.93 43.18
N ALA C 175 10.72 22.88 42.32
CA ALA C 175 11.03 24.28 42.52
C ALA C 175 9.78 25.12 42.36
N VAL C 176 9.55 26.04 43.30
CA VAL C 176 8.37 26.88 43.30
C VAL C 176 8.80 28.34 43.39
N THR C 177 8.18 29.19 42.58
CA THR C 177 8.47 30.63 42.59
C THR C 177 7.35 31.33 43.37
N GLY C 178 7.50 31.37 44.69
CA GLY C 178 6.50 31.97 45.55
C GLY C 178 6.87 33.41 45.87
N SER C 179 5.88 34.29 45.76
CA SER C 179 6.11 35.71 46.06
C SER C 179 6.16 35.95 47.56
N GLY C 180 5.07 35.65 48.26
CA GLY C 180 5.01 35.75 49.70
C GLY C 180 5.32 34.41 50.34
N PHE C 181 5.85 34.47 51.57
CA PHE C 181 6.28 33.27 52.29
C PHE C 181 5.70 33.25 53.70
N PRO C 182 4.37 33.06 53.83
CA PRO C 182 3.81 32.83 55.17
C PRO C 182 4.06 31.41 55.66
N SER C 183 3.82 30.43 54.78
CA SER C 183 4.03 29.01 55.08
C SER C 183 3.95 28.19 53.80
N ALA C 184 4.93 27.33 53.56
CA ALA C 184 4.94 26.48 52.39
C ALA C 184 5.46 25.11 52.75
N THR C 185 4.82 24.07 52.22
CA THR C 185 5.20 22.69 52.50
C THR C 185 5.22 21.89 51.21
N CYS C 186 6.08 20.87 51.19
CA CYS C 186 6.21 19.96 50.06
C CYS C 186 5.69 18.60 50.48
N ALA C 187 4.68 18.10 49.77
CA ALA C 187 4.06 16.82 50.11
C ALA C 187 4.32 15.84 48.99
N VAL C 188 5.00 14.74 49.30
CA VAL C 188 5.29 13.72 48.31
C VAL C 188 4.37 12.54 48.54
N GLY C 189 4.02 11.87 47.45
CA GLY C 189 3.22 10.67 47.49
C GLY C 189 3.90 9.55 46.76
N PHE C 190 4.20 8.47 47.47
CA PHE C 190 4.96 7.35 46.93
C PHE C 190 4.09 6.10 46.92
N GLY C 191 4.27 5.28 45.87
CA GLY C 191 3.48 4.07 45.75
C GLY C 191 3.70 3.07 46.86
N ALA C 192 4.94 2.98 47.37
CA ALA C 192 5.27 1.99 48.39
C ALA C 192 5.04 2.57 49.80
N ALA C 193 3.80 3.01 50.02
CA ALA C 193 3.29 3.37 51.35
C ALA C 193 4.13 4.46 52.03
N THR C 194 4.50 5.48 51.27
CA THR C 194 5.22 6.64 51.81
C THR C 194 4.47 7.90 51.41
N ASP C 195 4.09 8.70 52.40
CA ASP C 195 3.33 9.92 52.18
C ASP C 195 3.88 11.04 53.05
N VAL C 196 5.21 11.17 53.07
CA VAL C 196 5.86 12.18 53.91
C VAL C 196 5.61 13.56 53.34
N ASP C 197 5.27 14.51 54.21
CA ASP C 197 5.07 15.91 53.85
C ASP C 197 5.88 16.77 54.80
N LYS C 198 6.84 17.52 54.27
CA LYS C 198 7.75 18.31 55.08
C LYS C 198 7.63 19.79 54.73
N LYS C 199 7.61 20.63 55.75
CA LYS C 199 7.57 22.07 55.54
C LYS C 199 8.97 22.59 55.22
N VAL C 200 8.99 23.77 54.59
CA VAL C 200 10.23 24.43 54.21
C VAL C 200 10.41 25.63 55.11
N ALA C 201 11.45 25.61 55.95
CA ALA C 201 11.72 26.69 56.87
C ALA C 201 12.64 27.73 56.24
N ALA C 202 12.93 28.78 56.99
CA ALA C 202 13.82 29.84 56.53
C ALA C 202 15.26 29.52 56.88
N ALA C 203 16.17 30.19 56.17
CA ALA C 203 17.62 30.03 56.34
C ALA C 203 18.06 28.58 56.20
C1B LMT D . -12.34 9.79 5.63
C2B LMT D . -12.29 10.92 4.60
C3B LMT D . -12.71 12.26 5.14
C4B LMT D . -12.60 12.38 6.65
C5B LMT D . -11.45 11.57 7.22
C6B LMT D . -11.43 11.74 8.71
O1B LMT D . -11.85 8.61 5.10
O2B LMT D . -10.97 11.04 4.07
O3B LMT D . -14.07 12.50 4.76
O4' LMT D . -12.40 13.76 6.99
O5B LMT D . -11.57 10.10 6.90
O6B LMT D . -10.90 13.03 9.02
C1' LMT D . -12.30 5.33 3.19
C2' LMT D . -11.11 6.27 3.15
C3' LMT D . -11.50 7.69 2.93
C4' LMT D . -12.54 8.19 3.90
C5' LMT D . -13.62 7.15 4.23
C6' LMT D . -15.00 7.81 4.21
O1' LMT D . -12.27 4.56 2.06
O2' LMT D . -10.40 6.18 4.41
O3' LMT D . -12.01 7.82 1.58
O5' LMT D . -13.62 6.05 3.27
O6' LMT D . -15.17 8.50 2.99
C1 LMT D . -13.28 4.86 1.10
C2 LMT D . -12.62 5.14 -0.27
C3 LMT D . -13.65 5.85 -1.21
C4 LMT D . -14.60 4.80 -1.82
C5 LMT D . -13.81 3.90 -2.81
C6 LMT D . -14.66 2.64 -3.13
C7 LMT D . -15.99 3.09 -3.86
C8 LMT D . -16.34 2.07 -5.00
C9 LMT D . -17.71 2.49 -5.66
C10 LMT D . -18.11 1.44 -6.71
C11 LMT D . -19.61 1.68 -7.12
C12 LMT D . -20.30 0.38 -7.27
C1B LMT E . 16.39 -7.36 -23.25
C2B LMT E . 16.74 -8.48 -22.26
C3B LMT E . 15.75 -9.60 -22.35
C4B LMT E . 15.75 -10.24 -23.72
C5B LMT E . 15.72 -9.23 -24.84
C6B LMT E . 14.64 -9.60 -25.80
O1B LMT E . 17.55 -6.85 -23.77
O2B LMT E . 18.05 -8.97 -22.55
O3B LMT E . 14.44 -9.09 -22.07
O4' LMT E . 16.93 -11.05 -23.85
O5B LMT E . 15.47 -7.83 -24.36
O6B LMT E . 14.53 -8.58 -26.80
C1' LMT E . 17.48 -3.78 -26.67
C2' LMT E . 17.52 -3.41 -25.19
C3' LMT E . 17.13 -4.52 -24.27
C4' LMT E . 17.27 -5.91 -24.82
C5' LMT E . 18.40 -5.99 -25.87
C6' LMT E . 18.53 -7.42 -26.36
O1' LMT E . 16.18 -3.81 -27.08
O2' LMT E . 18.85 -2.95 -24.84
O3' LMT E . 15.73 -4.30 -23.89
O5' LMT E . 18.15 -5.11 -27.01
O6' LMT E . 18.94 -8.26 -25.29
C1 LMT E . 16.02 -4.24 -28.42
C2 LMT E . 15.18 -5.53 -28.46
C3 LMT E . 13.67 -5.17 -28.72
C4 LMT E . 12.95 -6.38 -29.36
C5 LMT E . 11.46 -6.38 -28.91
C6 LMT E . 10.53 -6.46 -30.15
C7 LMT E . 10.59 -7.93 -30.75
C8 LMT E . 9.17 -8.38 -31.18
C9 LMT E . 8.44 -7.24 -31.99
C10 LMT E . 7.56 -7.87 -33.08
C11 LMT E . 6.18 -7.12 -33.17
C12 LMT E . 5.17 -8.03 -33.79
C1B LMT F . 14.05 7.73 -20.26
C1B LMT F . 13.79 7.47 -20.21
C2B LMT F . 14.04 7.64 -18.74
C2B LMT F . 13.73 7.51 -18.70
C3B LMT F . 13.55 8.88 -18.07
C3B LMT F . 13.40 8.87 -18.15
C4B LMT F . 13.23 10.03 -19.01
C4B LMT F . 13.10 9.92 -19.20
C5B LMT F . 12.34 9.60 -20.16
C5B LMT F . 12.18 9.40 -20.29
C6B LMT F . 12.39 10.67 -21.21
C6B LMT F . 12.19 10.39 -21.43
O1B LMT F . 14.27 6.46 -20.76
O1B LMT F . 13.98 6.16 -20.61
O2B LMT F . 13.19 6.54 -18.37
O2B LMT F . 12.72 6.60 -18.25
O3B LMT F . 14.56 9.32 -17.15
O3B LMT F . 14.51 9.32 -17.35
O4' LMT F . 12.57 11.07 -18.28
O4' LMT F . 12.49 11.05 -18.56
O5B LMT F . 12.75 8.30 -20.79
O5B LMT F . 12.55 8.06 -20.83
O6B LMT F . 12.66 11.93 -20.61
O6B LMT F . 12.52 11.70 -20.94
C1' LMT F . 13.58 4.27 -24.18
C1' LMT F . 12.91 3.87 -23.94
C2' LMT F . 14.71 5.27 -23.92
C2' LMT F . 13.47 5.26 -24.20
C3' LMT F . 14.27 6.47 -23.16
C3' LMT F . 14.11 5.85 -23.00
C4' LMT F . 13.46 6.20 -21.92
C4' LMT F . 13.22 5.81 -21.78
C5' LMT F . 12.93 4.76 -21.83
C5' LMT F . 12.60 4.42 -21.56
C6' LMT F . 11.77 4.70 -20.83
C6' LMT F . 11.59 4.48 -20.43
O1' LMT F . 13.04 4.57 -25.38
O1' LMT F . 12.22 3.45 -25.04
O2' LMT F . 15.80 4.62 -23.21
O2' LMT F . 14.48 5.15 -25.25
O3' LMT F . 13.47 7.30 -24.06
O3' LMT F . 14.45 7.22 -23.32
O5' LMT F . 12.47 4.29 -23.14
O5' LMT F . 11.96 3.89 -22.76
O6' LMT F . 12.29 4.69 -19.52
O6' LMT F . 12.27 4.50 -19.19
C1 LMT F . 11.88 3.81 -25.71
C1 LMT F . 12.81 2.36 -25.72
C2 LMT F . 11.12 4.52 -26.85
C2 LMT F . 12.31 1.04 -25.12
C3 LMT F . 9.63 4.09 -26.82
C3 LMT F . 12.87 -0.15 -25.95
C4 LMT F . 9.30 3.33 -28.11
C4 LMT F . 12.32 -0.11 -27.39
C5 LMT F . 8.87 4.34 -29.22
C5 LMT F . 11.25 -1.23 -27.59
C6 LMT F . 7.76 3.70 -30.08
C6 LMT F . 10.18 -0.74 -28.61
C7 LMT F . 8.31 2.35 -30.70
C7 LMT F . 9.28 -1.97 -29.04
C8 LMT F . 7.12 1.45 -31.15
C8 LMT F . 8.08 -1.48 -29.91
C9 LMT F . 6.09 2.29 -32.01
C9 LMT F . 7.51 -2.69 -30.74
C10 LMT F . 5.43 1.37 -33.06
C10 LMT F . 6.62 -2.17 -31.89
C11 LMT F . 3.96 1.86 -33.34
C11 LMT F . 6.41 -3.30 -32.95
C12 LMT F . 3.21 0.77 -34.02
C12 LMT F . 5.81 -2.71 -34.19
C1B LMT G . 7.76 14.49 -12.15
C2B LMT G . 6.58 13.77 -11.54
C3B LMT G . 6.87 13.47 -10.10
C4B LMT G . 7.10 14.73 -9.29
C5B LMT G . 7.97 15.80 -9.94
C6B LMT G . 9.35 15.76 -9.33
O1B LMT G . 7.49 14.79 -13.47
O2B LMT G . 5.41 14.57 -11.65
O3B LMT G . 8.07 12.67 -10.05
O4' LMT G . 5.81 15.29 -8.98
O5B LMT G . 8.08 15.78 -11.44
O6B LMT G . 9.97 14.48 -9.54
C1' LMT G . 8.85 13.25 -17.15
C2' LMT G . 7.88 12.43 -16.32
C3' LMT G . 7.28 13.19 -15.21
C4' LMT G . 8.26 13.96 -14.36
C5' LMT G . 9.18 14.82 -15.23
C6' LMT G . 10.31 15.43 -14.40
O1' LMT G . 9.56 12.37 -17.91
O2' LMT G . 6.81 11.98 -17.20
O3' LMT G . 6.55 12.26 -14.35
O5' LMT G . 9.81 14.05 -16.31
O6' LMT G . 10.92 14.41 -13.63
C1 LMT G . 9.37 12.49 -19.31
C2 LMT G . 8.54 11.30 -19.83
C3 LMT G . 7.23 11.84 -20.47
C4 LMT G . 6.35 10.68 -20.99
C5 LMT G . 4.90 11.21 -21.22
C6 LMT G . 4.31 10.63 -22.53
C7 LMT G . 5.16 11.14 -23.76
C8 LMT G . 5.29 9.97 -24.80
C9 LMT G . 5.63 10.52 -26.24
C10 LMT G . 5.14 9.51 -27.30
C11 LMT G . 6.25 9.26 -28.39
C12 LMT G . 5.62 8.78 -29.65
C1B LMT H . 2.02 18.58 -12.70
C2B LMT H . 0.96 18.52 -11.63
C3B LMT H . 1.26 19.42 -10.45
C4B LMT H . 2.38 20.42 -10.68
C5B LMT H . 2.45 20.99 -12.09
C6B LMT H . 3.80 21.62 -12.25
O1B LMT H . 1.63 17.79 -13.76
O2B LMT H . -0.30 18.94 -12.19
O3B LMT H . 1.62 18.57 -9.35
O4' LMT H . 2.20 21.50 -9.76
O5B LMT H . 2.26 19.98 -13.19
O6B LMT H . 3.83 22.43 -13.43
C1' LMT H . 3.31 14.95 -16.13
C2' LMT H . 4.03 15.15 -14.81
C3' LMT H . 3.34 16.09 -13.89
C4' LMT H . 2.75 17.33 -14.53
C5' LMT H . 2.24 17.14 -15.97
C6' LMT H . 2.13 18.50 -16.64
O1' LMT H . 4.09 14.16 -16.94
O2' LMT H . 4.16 13.86 -14.15
O3' LMT H . 4.33 16.47 -12.89
O5' LMT H . 3.08 16.28 -16.81
O6' LMT H . 1.37 18.39 -17.84
C1 LMT H . 3.37 13.56 -17.99
C2 LMT H . 3.81 14.16 -19.34
C3 LMT H . 2.57 14.35 -20.27
C4 LMT H . 2.92 15.34 -21.40
C5 LMT H . 1.97 15.11 -22.61
C6 LMT H . 2.23 13.69 -23.20
C7 LMT H . 1.21 13.43 -24.37
C8 LMT H . 1.63 12.17 -25.19
C9 LMT H . 0.34 11.52 -25.85
C10 LMT H . -0.21 12.46 -26.94
C11 LMT H . -1.23 11.65 -27.83
C12 LMT H . -1.08 12.10 -29.24
C1B LMT I . -4.14 17.74 -6.55
C2B LMT I . -3.00 18.21 -5.67
C3B LMT I . -3.47 18.42 -4.26
C4B LMT I . -3.99 17.14 -3.68
C5B LMT I . -5.07 16.51 -4.55
C6B LMT I . -6.32 16.39 -3.74
O1B LMT I . -3.72 16.66 -7.29
O2B LMT I . -1.96 17.24 -5.66
O3B LMT I . -4.53 19.39 -4.28
O4' LMT I . -2.90 16.22 -3.56
O5B LMT I . -5.37 17.34 -5.76
O6B LMT I . -5.98 15.96 -2.42
C1' LMT I . -2.54 15.14 -10.61
C2' LMT I . -1.73 15.85 -9.56
C3' LMT I . -2.34 17.16 -9.19
C4' LMT I . -3.75 17.04 -8.69
C5' LMT I . -4.57 16.01 -9.47
C6' LMT I . -5.95 16.61 -9.72
O1' LMT I . -1.88 15.24 -11.80
O2' LMT I . -1.64 15.02 -8.38
O3' LMT I . -2.34 18.02 -10.35
O5' LMT I . -3.94 15.71 -10.76
O6' LMT I . -6.64 16.73 -8.49
C1 LMT I . -2.58 15.88 -12.85
C2 LMT I . -1.64 16.12 -14.04
C3 LMT I . -2.13 15.31 -15.28
C4 LMT I . -1.42 15.88 -16.52
C5 LMT I . -1.24 14.74 -17.59
C6 LMT I . -1.22 15.41 -18.99
C7 LMT I . -2.08 14.55 -20.00
C8 LMT I . -2.74 15.48 -21.06
C9 LMT I . -3.22 14.61 -22.29
C10 LMT I . -2.02 13.84 -22.85
C11 LMT I . -2.51 12.54 -23.59
C12 LMT I . -3.27 12.93 -24.82
C1B LMT J . -4.45 -21.16 6.54
C2B LMT J . -3.66 -20.98 7.82
C3B LMT J . -3.69 -22.22 8.67
C4B LMT J . -3.17 -23.44 7.94
C5B LMT J . -3.66 -23.53 6.51
C6B LMT J . -4.09 -24.93 6.23
O1B LMT J . -3.70 -20.68 5.48
O2B LMT J . -2.30 -20.67 7.50
O3B LMT J . -5.05 -22.47 9.06
O4' LMT J . -1.73 -23.39 7.93
O5B LMT J . -4.80 -22.60 6.26
O6B LMT J . -3.89 -25.22 4.84
C1' LMT J . -4.73 -18.40 2.19
C2' LMT J . -4.71 -17.98 3.66
C3' LMT J . -5.20 -19.03 4.59
C4' LMT J . -4.59 -20.40 4.38
C5' LMT J . -3.82 -20.56 3.06
C6' LMT J . -3.70 -22.04 2.74
O1' LMT J . -5.96 -18.06 1.68
O2' LMT J . -3.38 -17.56 4.05
O3' LMT J . -6.64 -19.15 4.45
O5' LMT J . -4.50 -19.89 1.96
O6' LMT J . -2.53 -22.57 3.34
C1 LMT J . -6.04 -18.05 0.26
C2 LMT J . -6.80 -19.31 -0.22
C3 LMT J . -6.63 -19.48 -1.77
C4 LMT J . -7.98 -19.21 -2.48
C5 LMT J . -7.79 -19.32 -4.03
C6 LMT J . -8.58 -18.17 -4.71
C7 LMT J . -8.88 -18.58 -6.21
C8 LMT J . -10.12 -17.79 -6.76
C9 LMT J . -10.39 -18.24 -8.25
C10 LMT J . -11.36 -17.26 -8.93
C11 LMT J . -12.75 -17.96 -9.14
C12 LMT J . -13.49 -17.29 -10.23
C1B LMT K . -11.04 11.79 -1.04
C2B LMT K . -12.34 11.04 -0.85
C3B LMT K . -12.82 11.13 0.56
C4B LMT K . -12.98 12.57 1.01
C5B LMT K . -11.69 13.34 0.81
C6B LMT K . -11.24 13.89 2.13
O1B LMT K . -11.21 12.75 -2.01
O2B LMT K . -13.34 11.61 -1.72
O3B LMT K . -11.84 10.51 1.39
O4' LMT K . -14.03 13.19 0.25
O5B LMT K . -10.61 12.48 0.23
O6B LMT K . -11.25 15.32 2.09
C1' LMT K . -9.25 13.02 -5.76
C2' LMT K . -10.22 11.88 -5.50
C3' LMT K . -11.10 12.15 -4.33
C4' LMT K . -10.31 12.50 -3.11
C5' LMT K . -9.47 13.76 -3.41
C6' LMT K . -8.71 14.23 -2.18
O1' LMT K . -8.35 12.57 -6.68
O2' LMT K . -11.03 11.70 -6.68
O3' LMT K . -11.92 10.97 -4.07
O5' LMT K . -8.54 13.48 -4.51
O6' LMT K . -7.74 13.28 -1.80
C1 LMT K . -8.10 13.48 -7.74
C2 LMT K . -9.23 13.46 -8.79
C3 LMT K . -8.77 14.33 -10.00
C4 LMT K . -9.84 14.40 -11.11
C5 LMT K . -9.63 15.71 -11.93
C6 LMT K . -9.15 15.37 -13.36
C7 LMT K . -7.63 15.79 -13.57
C8 LMT K . -7.46 16.50 -14.94
C9 LMT K . -5.97 17.03 -15.09
C10 LMT K . -5.86 17.98 -16.29
C11 LMT K . -5.53 17.17 -17.60
C12 LMT K . -4.81 18.04 -18.57
C1B LMT L . -6.90 -10.90 -46.69
C2B LMT L . -7.18 -12.37 -46.44
C3B LMT L . -8.53 -12.83 -46.90
C4B LMT L . -9.21 -11.88 -47.87
C5B LMT L . -8.22 -11.23 -48.82
C6B LMT L . -8.98 -10.30 -49.72
O1B LMT L . -5.59 -10.66 -46.34
O2B LMT L . -6.18 -13.15 -47.11
O3B LMT L . -9.37 -13.00 -45.76
O4' LMT L . -10.19 -12.60 -48.63
O5B LMT L . -7.14 -10.48 -48.11
O6B LMT L . -9.51 -11.03 -50.82
C1' LMT L . -3.58 -7.49 -44.50
C2' LMT L . -4.91 -7.93 -43.91
C3' LMT L . -5.25 -9.29 -44.40
C4' LMT L . -5.39 -9.30 -45.90
C5' LMT L . -4.16 -8.70 -46.60
C6' LMT L . -4.50 -8.45 -48.08
O1' LMT L . -3.26 -6.27 -44.01
O2' LMT L . -4.81 -7.93 -42.47
O3' LMT L . -6.48 -9.72 -43.77
O5' LMT L . -3.68 -7.45 -46.02
O6' LMT L . -3.58 -7.51 -48.61
C1 LMT L . -2.11 -6.28 -43.18
C2 LMT L . -1.91 -4.89 -42.55
C3 LMT L . -2.00 -4.99 -40.99
C4 LMT L . -1.16 -3.86 -40.36
C5 LMT L . -1.44 -3.80 -38.82
C6 LMT L . -1.56 -2.32 -38.36
C7 LMT L . -1.89 -2.27 -36.81
C8 LMT L . -1.28 -0.99 -36.17
C9 LMT L . -1.64 0.27 -37.07
C10 LMT L . -0.39 1.15 -37.24
C11 LMT L . -0.44 1.89 -38.63
C12 LMT L . -1.06 3.24 -38.45
C1B LMT M . -6.35 -0.54 4.66
C2B LMT M . -5.53 -0.83 5.89
C3B LMT M . -4.59 0.30 6.15
C4B LMT M . -3.67 0.52 4.99
C5B LMT M . -4.42 0.72 3.68
C6B LMT M . -3.44 0.67 2.55
O1B LMT M . -7.07 0.62 4.87
O2B LMT M . -6.37 -1.02 7.02
O3B LMT M . -3.81 0.01 7.32
O4' LMT M . -2.87 1.68 5.26
O5B LMT M . -5.47 -0.32 3.45
O6B LMT M . -3.70 1.74 1.64
C1' LMT M . -11.22 -0.23 4.74
C2' LMT M . -10.27 -1.15 3.97
C3' LMT M . -8.91 -0.59 3.74
C4' LMT M . -8.50 0.50 4.70
C5' LMT M . -9.16 0.36 6.08
C6' LMT M . -8.71 1.51 6.96
O1' LMT M . -11.63 0.79 3.93
O2' LMT M . -10.15 -2.41 4.69
O3' LMT M . -8.84 -0.06 2.39
O5' LMT M . -10.62 0.36 6.01
O6' LMT M . -9.37 1.44 8.22
C1 LMT M . -12.40 0.39 2.82
C2 LMT M . -13.75 1.15 2.83
C3 LMT M . -14.66 0.59 1.69
C4 LMT M . -14.73 -0.95 1.77
C5 LMT M . -16.01 -1.45 1.02
C6 LMT M . -15.70 -1.54 -0.49
C7 LMT M . -17.05 -1.59 -1.32
C8 LMT M . -17.00 -0.54 -2.47
C9 LMT M . -17.90 -1.03 -3.68
C10 LMT M . -17.43 -2.43 -4.13
C11 LMT M . -18.51 -3.06 -5.07
C12 LMT M . -18.57 -4.53 -4.80
#